data_4HGO
#
_entry.id   4HGO
#
_cell.length_a   81.296
_cell.length_b   106.324
_cell.length_c   74.147
_cell.angle_alpha   90.00
_cell.angle_beta   90.00
_cell.angle_gamma   90.00
#
_symmetry.space_group_name_H-M   'P 21 21 2'
#
loop_
_entity.id
_entity.type
_entity.pdbx_description
1 polymer 'acylneuraminate cytidylyltransferase'
2 non-polymer 'MAGNESIUM ION'
3 non-polymer oxido(dioxo)vanadium
4 non-polymer 'deamino-beta-neuraminic acid'
5 water water
#
_entity_poly.entity_id   1
_entity_poly.type   'polypeptide(L)'
_entity_poly.pdbx_seq_one_letter_code
;MKEIKLILTDIDGVWTDGGMFYDQTGNEWKKFNTSDSAGIFWAHNKGIPVGILTGEKTEIVRRRAEKLKVDYLFQGVVDK
LSAAEELCNELGINLEQVAYIGDDLNDAKLLKRVGIAGVPASAPFYIRRLSTIFLEKRGGEGVFREFVEKVLGINLEDFI
AVIQ
;
_entity_poly.pdbx_strand_id   A,B,C,D
#
# COMPACT_ATOMS: atom_id res chain seq x y z
N MET A 1 -9.07 -20.82 26.04
CA MET A 1 -7.71 -20.95 25.53
C MET A 1 -6.86 -21.87 26.40
N LYS A 2 -6.12 -22.76 25.74
CA LYS A 2 -5.24 -23.70 26.42
C LYS A 2 -3.94 -23.01 26.87
N GLU A 3 -3.13 -23.72 27.64
CA GLU A 3 -1.85 -23.15 28.10
C GLU A 3 -0.81 -23.06 26.97
N ILE A 4 -0.29 -21.86 26.74
CA ILE A 4 0.71 -21.65 25.71
C ILE A 4 2.01 -21.23 26.36
N LYS A 5 3.11 -21.87 25.97
CA LYS A 5 4.41 -21.57 26.56
C LYS A 5 5.39 -21.00 25.53
N LEU A 6 4.99 -21.01 24.27
CA LEU A 6 5.82 -20.44 23.22
C LEU A 6 4.95 -19.97 22.07
N ILE A 7 5.20 -18.76 21.60
CA ILE A 7 4.48 -18.24 20.43
C ILE A 7 5.48 -18.19 19.29
N LEU A 8 5.19 -18.92 18.22
CA LEU A 8 6.04 -18.92 17.03
C LEU A 8 5.33 -18.23 15.86
N THR A 9 6.11 -17.70 14.93
CA THR A 9 5.50 -16.93 13.86
C THR A 9 6.33 -16.93 12.58
N ASP A 10 5.60 -17.06 11.48
CA ASP A 10 6.13 -16.83 10.15
C ASP A 10 6.26 -15.31 9.92
N ILE A 11 6.95 -14.89 8.85
CA ILE A 11 7.08 -13.46 8.56
C ILE A 11 6.20 -13.02 7.36
N ASP A 12 6.57 -13.43 6.15
CA ASP A 12 5.89 -12.97 4.95
C ASP A 12 4.45 -13.47 4.88
N GLY A 13 3.51 -12.55 4.70
CA GLY A 13 2.10 -12.89 4.66
C GLY A 13 1.47 -12.86 6.04
N VAL A 14 2.29 -12.64 7.07
CA VAL A 14 1.79 -12.50 8.43
C VAL A 14 2.20 -11.15 8.99
N TRP A 15 3.51 -10.94 9.13
CA TRP A 15 4.03 -9.65 9.58
C TRP A 15 3.99 -8.65 8.43
N THR A 16 3.80 -9.16 7.22
CA THR A 16 3.66 -8.35 6.01
C THR A 16 2.47 -8.84 5.22
N ASP A 17 2.03 -8.05 4.22
CA ASP A 17 0.99 -8.51 3.30
C ASP A 17 1.57 -9.38 2.18
N GLY A 18 2.77 -9.91 2.38
CA GLY A 18 3.39 -10.71 1.35
C GLY A 18 4.22 -9.87 0.40
N GLY A 19 4.17 -8.54 0.56
CA GLY A 19 4.95 -7.62 -0.23
C GLY A 19 6.46 -7.83 -0.18
N MET A 20 7.06 -7.96 -1.35
CA MET A 20 8.51 -7.99 -1.47
C MET A 20 8.93 -6.92 -2.47
N PHE A 21 9.58 -5.86 -1.99
CA PHE A 21 9.99 -4.74 -2.83
C PHE A 21 11.39 -4.97 -3.36
N TYR A 22 11.53 -4.97 -4.69
CA TYR A 22 12.84 -5.09 -5.34
C TYR A 22 13.19 -3.75 -5.99
N ASP A 23 14.45 -3.34 -5.92
CA ASP A 23 14.89 -2.18 -6.70
C ASP A 23 15.77 -2.60 -7.89
N GLN A 24 16.39 -1.62 -8.56
CA GLN A 24 17.26 -1.91 -9.69
C GLN A 24 18.66 -2.37 -9.28
N THR A 25 18.98 -2.32 -8.00
CA THR A 25 20.35 -2.60 -7.57
C THR A 25 20.57 -3.87 -6.73
N GLY A 26 19.52 -4.63 -6.46
CA GLY A 26 19.66 -5.86 -5.70
C GLY A 26 19.32 -5.69 -4.23
N ASN A 27 18.89 -4.49 -3.85
CA ASN A 27 18.41 -4.25 -2.50
C ASN A 27 16.99 -4.85 -2.40
N GLU A 28 16.46 -4.95 -1.19
CA GLU A 28 15.15 -5.54 -0.99
C GLU A 28 14.49 -4.91 0.22
N TRP A 29 13.16 -4.81 0.18
CA TRP A 29 12.41 -4.21 1.27
C TRP A 29 11.27 -5.09 1.73
N LYS A 30 10.91 -4.93 3.00
CA LYS A 30 9.68 -5.45 3.57
C LYS A 30 9.00 -4.33 4.34
N LYS A 31 7.68 -4.37 4.40
CA LYS A 31 6.91 -3.39 5.13
C LYS A 31 6.33 -4.08 6.34
N PHE A 32 6.78 -3.67 7.52
CA PHE A 32 6.26 -4.20 8.76
C PHE A 32 5.21 -3.25 9.30
N ASN A 33 4.48 -3.67 10.32
CA ASN A 33 3.47 -2.84 10.93
C ASN A 33 3.81 -2.70 12.41
N THR A 34 3.99 -1.47 12.86
CA THR A 34 4.32 -1.20 14.25
C THR A 34 3.30 -1.86 15.21
N SER A 35 2.10 -2.08 14.73
CA SER A 35 1.05 -2.69 15.53
C SER A 35 1.49 -4.06 16.05
N ASP A 36 2.19 -4.81 15.20
CA ASP A 36 2.64 -6.13 15.62
C ASP A 36 3.67 -6.12 16.76
N SER A 37 4.36 -5.01 16.96
CA SER A 37 5.23 -4.91 18.13
C SER A 37 4.45 -5.08 19.45
N ALA A 38 3.16 -4.73 19.48
CA ALA A 38 2.36 -4.97 20.68
C ALA A 38 2.13 -6.46 20.93
N GLY A 39 2.22 -7.27 19.88
CA GLY A 39 2.20 -8.72 20.02
C GLY A 39 3.34 -9.21 20.90
N ILE A 40 4.54 -8.69 20.65
CA ILE A 40 5.68 -9.02 21.48
C ILE A 40 5.48 -8.50 22.89
N PHE A 41 5.05 -7.25 23.00
CA PHE A 41 4.80 -6.61 24.30
C PHE A 41 3.94 -7.49 25.20
N TRP A 42 2.81 -7.95 24.65
CA TRP A 42 1.86 -8.76 25.38
C TRP A 42 2.42 -10.12 25.74
N ALA A 43 3.08 -10.77 24.77
CA ALA A 43 3.75 -12.04 25.03
C ALA A 43 4.69 -11.89 26.22
N HIS A 44 5.65 -10.97 26.10
CA HIS A 44 6.61 -10.74 27.18
C HIS A 44 5.97 -10.31 28.49
N ASN A 45 4.87 -9.56 28.41
CA ASN A 45 4.08 -9.24 29.60
C ASN A 45 3.60 -10.49 30.33
N LYS A 46 3.20 -11.51 29.58
CA LYS A 46 2.73 -12.74 30.19
C LYS A 46 3.84 -13.80 30.31
N GLY A 47 5.09 -13.39 30.17
CA GLY A 47 6.23 -14.28 30.35
C GLY A 47 6.40 -15.32 29.25
N ILE A 48 5.88 -15.03 28.06
CA ILE A 48 5.91 -16.00 26.99
C ILE A 48 6.91 -15.57 25.92
N PRO A 49 7.87 -16.44 25.60
CA PRO A 49 8.87 -16.17 24.56
C PRO A 49 8.27 -16.17 23.16
N VAL A 50 8.86 -15.41 22.23
CA VAL A 50 8.40 -15.43 20.85
C VAL A 50 9.52 -15.89 19.93
N GLY A 51 9.18 -16.76 18.99
CA GLY A 51 10.16 -17.12 17.98
C GLY A 51 9.65 -16.88 16.58
N ILE A 52 10.57 -16.47 15.69
CA ILE A 52 10.31 -16.31 14.26
C ILE A 52 10.89 -17.46 13.46
N LEU A 53 10.07 -18.09 12.62
CA LEU A 53 10.57 -19.06 11.68
C LEU A 53 10.25 -18.54 10.29
N THR A 54 11.29 -18.37 9.48
CA THR A 54 11.08 -17.96 8.10
C THR A 54 11.92 -18.75 7.11
N GLY A 55 11.35 -18.99 5.93
CA GLY A 55 12.05 -19.70 4.87
C GLY A 55 13.01 -18.77 4.17
N GLU A 56 12.71 -17.48 4.18
CA GLU A 56 13.60 -16.47 3.63
C GLU A 56 14.76 -16.22 4.60
N LYS A 57 15.81 -15.59 4.12
CA LYS A 57 16.90 -15.14 4.99
C LYS A 57 17.36 -13.75 4.53
N THR A 58 17.03 -12.73 5.32
CA THR A 58 17.38 -11.36 4.94
C THR A 58 17.90 -10.59 6.13
N GLU A 59 18.63 -9.53 5.83
CA GLU A 59 19.07 -8.60 6.87
C GLU A 59 17.86 -7.81 7.40
N ILE A 60 16.88 -7.58 6.52
CA ILE A 60 15.58 -7.00 6.88
C ILE A 60 14.95 -7.61 8.15
N VAL A 61 14.73 -8.92 8.10
CA VAL A 61 14.10 -9.64 9.20
C VAL A 61 15.01 -9.73 10.43
N ARG A 62 16.31 -9.87 10.19
CA ARG A 62 17.27 -9.89 11.30
C ARG A 62 17.19 -8.59 12.11
N ARG A 63 17.26 -7.45 11.42
CA ARG A 63 17.16 -6.16 12.10
C ARG A 63 15.79 -5.95 12.75
N ARG A 64 14.73 -6.37 12.08
CA ARG A 64 13.39 -6.24 12.64
C ARG A 64 13.27 -7.06 13.91
N ALA A 65 13.72 -8.31 13.87
CA ALA A 65 13.66 -9.18 15.05
C ALA A 65 14.42 -8.57 16.20
N GLU A 66 15.57 -7.95 15.88
CA GLU A 66 16.41 -7.36 16.91
C GLU A 66 15.73 -6.17 17.57
N LYS A 67 15.22 -5.25 16.75
CA LYS A 67 14.45 -4.10 17.22
C LYS A 67 13.30 -4.50 18.17
N LEU A 68 12.63 -5.60 17.86
CA LEU A 68 11.48 -6.04 18.64
C LEU A 68 11.87 -6.99 19.78
N LYS A 69 13.16 -7.27 19.92
CA LYS A 69 13.65 -8.12 20.99
C LYS A 69 13.01 -9.51 20.93
N VAL A 70 12.83 -10.03 19.73
CA VAL A 70 12.27 -11.35 19.60
C VAL A 70 13.25 -12.35 20.21
N ASP A 71 12.73 -13.37 20.88
CA ASP A 71 13.55 -14.30 21.66
C ASP A 71 14.31 -15.31 20.80
N TYR A 72 13.68 -15.79 19.73
CA TYR A 72 14.35 -16.73 18.86
C TYR A 72 14.13 -16.32 17.42
N LEU A 73 15.21 -16.39 16.64
CA LEU A 73 15.11 -16.11 15.22
C LEU A 73 15.71 -17.26 14.42
N PHE A 74 14.93 -17.84 13.53
CA PHE A 74 15.43 -18.85 12.61
C PHE A 74 15.08 -18.47 11.17
N GLN A 75 16.12 -18.32 10.35
CA GLN A 75 15.94 -17.94 8.96
C GLN A 75 16.44 -19.04 8.06
N GLY A 76 16.01 -19.04 6.80
CA GLY A 76 16.43 -20.04 5.84
C GLY A 76 15.94 -21.44 6.19
N VAL A 77 14.86 -21.51 6.97
CA VAL A 77 14.30 -22.77 7.41
C VAL A 77 13.62 -23.51 6.27
N VAL A 78 14.04 -24.75 6.02
CA VAL A 78 13.42 -25.58 4.99
C VAL A 78 12.25 -26.37 5.54
N ASP A 79 12.36 -26.75 6.81
CA ASP A 79 11.37 -27.61 7.44
C ASP A 79 10.91 -26.93 8.70
N LYS A 80 9.85 -26.14 8.61
CA LYS A 80 9.37 -25.40 9.79
C LYS A 80 8.97 -26.30 10.95
N LEU A 81 8.34 -27.43 10.65
CA LEU A 81 7.97 -28.38 11.69
C LEU A 81 9.19 -28.89 12.47
N SER A 82 10.28 -29.24 11.77
CA SER A 82 11.51 -29.70 12.43
C SER A 82 12.13 -28.60 13.26
N ALA A 83 12.11 -27.38 12.74
CA ALA A 83 12.73 -26.26 13.44
C ALA A 83 12.00 -26.00 14.75
N ALA A 84 10.67 -26.06 14.72
CA ALA A 84 9.88 -25.86 15.93
C ALA A 84 10.10 -26.99 16.93
N GLU A 85 10.17 -28.23 16.45
CA GLU A 85 10.47 -29.37 17.33
C GLU A 85 11.79 -29.17 18.05
N GLU A 86 12.80 -28.75 17.31
CA GLU A 86 14.16 -28.60 17.86
C GLU A 86 14.24 -27.51 18.90
N LEU A 87 13.64 -26.37 18.61
CA LEU A 87 13.56 -25.29 19.58
C LEU A 87 12.80 -25.80 20.80
N CYS A 88 11.67 -26.44 20.57
CA CYS A 88 10.80 -26.89 21.65
C CYS A 88 11.51 -27.92 22.50
N ASN A 89 12.25 -28.79 21.85
CA ASN A 89 12.99 -29.81 22.57
C ASN A 89 14.01 -29.16 23.51
N GLU A 90 14.67 -28.10 23.03
CA GLU A 90 15.59 -27.32 23.86
C GLU A 90 14.91 -26.72 25.08
N LEU A 91 13.66 -26.30 24.92
CA LEU A 91 12.98 -25.58 25.99
C LEU A 91 12.18 -26.48 26.95
N GLY A 92 12.02 -27.75 26.58
CA GLY A 92 11.21 -28.66 27.38
C GLY A 92 9.73 -28.49 27.06
N ILE A 93 9.45 -28.03 25.84
CA ILE A 93 8.09 -27.64 25.46
C ILE A 93 7.45 -28.62 24.47
N ASN A 94 6.16 -28.88 24.66
CA ASN A 94 5.37 -29.72 23.76
C ASN A 94 4.75 -28.89 22.62
N LEU A 95 4.67 -29.43 21.40
CA LEU A 95 4.00 -28.71 20.31
C LEU A 95 2.55 -28.30 20.67
N GLU A 96 1.91 -29.02 21.58
CA GLU A 96 0.55 -28.68 22.01
C GLU A 96 0.57 -27.41 22.87
N GLN A 97 1.73 -27.07 23.42
CA GLN A 97 1.89 -25.86 24.22
C GLN A 97 2.40 -24.68 23.38
N VAL A 98 2.31 -24.82 22.05
CA VAL A 98 2.79 -23.80 21.12
C VAL A 98 1.64 -23.18 20.35
N ALA A 99 1.69 -21.85 20.19
CA ALA A 99 0.80 -21.15 19.28
C ALA A 99 1.62 -20.68 18.08
N TYR A 100 1.19 -21.07 16.87
CA TYR A 100 1.93 -20.73 15.66
C TYR A 100 1.02 -20.12 14.60
N ILE A 101 1.49 -19.06 13.97
CA ILE A 101 0.75 -18.39 12.90
C ILE A 101 1.57 -18.36 11.61
N GLY A 102 0.98 -18.84 10.52
CA GLY A 102 1.63 -18.87 9.22
C GLY A 102 0.56 -18.76 8.14
N ASP A 103 0.95 -18.65 6.88
CA ASP A 103 -0.01 -18.28 5.83
C ASP A 103 0.12 -19.04 4.52
N ASP A 104 1.07 -19.96 4.41
CA ASP A 104 1.25 -20.63 3.13
C ASP A 104 1.68 -22.11 3.23
N LEU A 105 1.84 -22.74 2.07
CA LEU A 105 2.14 -24.17 1.95
C LEU A 105 3.19 -24.63 2.97
N ASN A 106 4.30 -23.90 3.05
CA ASN A 106 5.41 -24.27 3.92
C ASN A 106 5.12 -24.25 5.41
N ASP A 107 3.96 -23.70 5.80
CA ASP A 107 3.60 -23.59 7.22
C ASP A 107 2.62 -24.67 7.65
N ALA A 108 2.03 -25.34 6.67
CA ALA A 108 0.94 -26.30 6.88
C ALA A 108 1.26 -27.45 7.86
N LYS A 109 2.39 -28.12 7.69
CA LYS A 109 2.72 -29.25 8.57
C LYS A 109 2.80 -28.79 10.02
N LEU A 110 3.46 -27.66 10.25
CA LEU A 110 3.52 -27.12 11.61
C LEU A 110 2.15 -26.71 12.13
N LEU A 111 1.37 -26.01 11.31
CA LEU A 111 0.03 -25.56 11.71
C LEU A 111 -0.85 -26.71 12.20
N LYS A 112 -0.76 -27.87 11.55
CA LYS A 112 -1.58 -29.01 11.95
C LYS A 112 -1.12 -29.66 13.27
N ARG A 113 0.06 -29.31 13.75
CA ARG A 113 0.65 -30.01 14.91
C ARG A 113 0.65 -29.20 16.22
N VAL A 114 0.48 -27.88 16.11
CA VAL A 114 0.54 -26.99 17.27
C VAL A 114 -0.76 -26.92 18.07
N GLY A 115 -0.69 -26.48 19.31
CA GLY A 115 -1.87 -26.39 20.15
C GLY A 115 -2.85 -25.33 19.67
N ILE A 116 -2.33 -24.24 19.13
CA ILE A 116 -3.19 -23.23 18.53
C ILE A 116 -2.54 -22.79 17.24
N ALA A 117 -3.26 -22.97 16.16
CA ALA A 117 -2.81 -22.50 14.85
C ALA A 117 -3.62 -21.29 14.42
N GLY A 118 -2.94 -20.28 13.90
CA GLY A 118 -3.60 -19.09 13.41
C GLY A 118 -3.14 -18.84 11.98
N VAL A 119 -4.05 -18.37 11.15
CA VAL A 119 -3.75 -18.06 9.77
C VAL A 119 -4.48 -16.78 9.39
N PRO A 120 -3.78 -15.78 8.84
CA PRO A 120 -4.42 -14.51 8.47
C PRO A 120 -5.56 -14.68 7.46
N ALA A 121 -6.47 -13.72 7.44
CA ALA A 121 -7.62 -13.81 6.55
C ALA A 121 -7.21 -13.75 5.07
N SER A 122 -6.01 -13.29 4.79
CA SER A 122 -5.50 -13.13 3.44
C SER A 122 -4.97 -14.42 2.80
N ALA A 123 -4.89 -15.48 3.59
CA ALA A 123 -4.19 -16.70 3.17
C ALA A 123 -5.04 -17.57 2.26
N PRO A 124 -4.40 -18.42 1.44
CA PRO A 124 -5.18 -19.34 0.60
C PRO A 124 -6.09 -20.19 1.46
N PHE A 125 -7.25 -20.50 0.92
CA PHE A 125 -8.29 -21.24 1.61
C PHE A 125 -7.78 -22.57 2.20
N TYR A 126 -6.90 -23.25 1.47
CA TYR A 126 -6.28 -24.51 1.92
C TYR A 126 -5.54 -24.35 3.24
N ILE A 127 -4.95 -23.18 3.44
CA ILE A 127 -4.20 -22.91 4.64
C ILE A 127 -5.11 -22.39 5.75
N ARG A 128 -6.03 -21.48 5.39
CA ARG A 128 -6.85 -20.81 6.39
C ARG A 128 -7.76 -21.79 7.12
N ARG A 129 -8.13 -22.87 6.44
CA ARG A 129 -8.96 -23.88 7.09
C ARG A 129 -8.17 -24.68 8.13
N LEU A 130 -6.86 -24.47 8.21
CA LEU A 130 -6.06 -25.14 9.25
C LEU A 130 -6.07 -24.34 10.54
N SER A 131 -6.47 -23.06 10.45
CA SER A 131 -6.50 -22.21 11.62
C SER A 131 -7.45 -22.80 12.66
N THR A 132 -7.07 -22.81 13.94
CA THR A 132 -8.00 -23.32 14.96
C THR A 132 -8.66 -22.19 15.74
N ILE A 133 -8.31 -20.95 15.40
CA ILE A 133 -9.02 -19.79 15.91
C ILE A 133 -9.27 -18.87 14.74
N PHE A 134 -10.28 -18.02 14.87
CA PHE A 134 -10.64 -17.14 13.76
C PHE A 134 -9.84 -15.85 13.84
N LEU A 135 -9.14 -15.51 12.76
CA LEU A 135 -8.45 -14.23 12.72
C LEU A 135 -9.09 -13.35 11.66
N GLU A 136 -9.47 -12.14 12.06
CA GLU A 136 -10.09 -11.18 11.18
C GLU A 136 -9.07 -10.49 10.27
N LYS A 137 -7.91 -10.13 10.81
CA LYS A 137 -6.95 -9.30 10.08
C LYS A 137 -6.19 -10.06 8.98
N ARG A 138 -5.70 -9.29 8.01
CA ARG A 138 -4.92 -9.80 6.89
C ARG A 138 -3.47 -9.60 7.24
N GLY A 139 -2.59 -10.30 6.54
CA GLY A 139 -1.15 -10.10 6.72
C GLY A 139 -0.77 -8.65 6.61
N GLY A 140 0.12 -8.20 7.48
CA GLY A 140 0.53 -6.81 7.44
C GLY A 140 -0.42 -5.84 8.14
N GLU A 141 -1.65 -6.26 8.43
CA GLU A 141 -2.59 -5.37 9.11
C GLU A 141 -2.56 -5.48 10.62
N GLY A 142 -1.57 -6.19 11.15
CA GLY A 142 -1.48 -6.35 12.59
C GLY A 142 -2.12 -7.65 13.01
N VAL A 143 -2.07 -8.65 12.13
CA VAL A 143 -2.65 -9.96 12.44
C VAL A 143 -1.82 -10.73 13.49
N PHE A 144 -0.51 -10.46 13.56
CA PHE A 144 0.30 -11.08 14.59
C PHE A 144 -0.12 -10.57 15.98
N ARG A 145 -0.33 -9.27 16.09
CA ARG A 145 -0.91 -8.70 17.30
C ARG A 145 -2.22 -9.38 17.63
N GLU A 146 -3.10 -9.48 16.64
CA GLU A 146 -4.40 -10.08 16.84
C GLU A 146 -4.26 -11.51 17.40
N PHE A 147 -3.37 -12.27 16.77
CA PHE A 147 -3.13 -13.65 17.15
C PHE A 147 -2.67 -13.72 18.59
N VAL A 148 -1.61 -12.97 18.92
CA VAL A 148 -1.11 -12.98 20.30
C VAL A 148 -2.18 -12.62 21.31
N GLU A 149 -2.95 -11.57 21.02
CA GLU A 149 -3.95 -11.09 21.98
C GLU A 149 -5.03 -12.13 22.23
N LYS A 150 -5.42 -12.88 21.20
CA LYS A 150 -6.41 -13.93 21.37
C LYS A 150 -5.83 -15.15 22.06
N VAL A 151 -4.63 -15.53 21.64
CA VAL A 151 -3.98 -16.71 22.20
C VAL A 151 -3.77 -16.53 23.71
N LEU A 152 -3.35 -15.34 24.11
CA LEU A 152 -3.10 -15.04 25.52
C LEU A 152 -4.32 -14.50 26.24
N GLY A 153 -5.44 -14.40 25.54
CA GLY A 153 -6.65 -13.89 26.17
C GLY A 153 -6.54 -12.47 26.71
N ILE A 154 -5.81 -11.61 26.00
CA ILE A 154 -5.67 -10.21 26.40
C ILE A 154 -7.04 -9.51 26.42
N ASN A 155 -7.43 -8.96 27.56
CA ASN A 155 -8.73 -8.32 27.66
C ASN A 155 -8.63 -6.87 28.14
N LEU A 156 -9.76 -6.22 28.33
CA LEU A 156 -9.78 -4.83 28.75
C LEU A 156 -9.06 -4.60 30.07
N GLU A 157 -9.18 -5.55 31.00
CA GLU A 157 -8.51 -5.35 32.26
C GLU A 157 -6.97 -5.47 32.17
N ASP A 158 -6.48 -6.35 31.30
CA ASP A 158 -5.05 -6.39 30.97
C ASP A 158 -4.60 -5.04 30.44
N PHE A 159 -5.40 -4.43 29.58
CA PHE A 159 -5.10 -3.11 29.05
C PHE A 159 -5.05 -2.06 30.17
N ILE A 160 -6.05 -2.11 31.05
CA ILE A 160 -6.13 -1.13 32.13
C ILE A 160 -4.92 -1.27 33.07
N ALA A 161 -4.51 -2.49 33.33
CA ALA A 161 -3.33 -2.75 34.17
C ALA A 161 -2.02 -2.17 33.60
N VAL A 162 -1.76 -2.35 32.31
CA VAL A 162 -0.46 -1.94 31.78
C VAL A 162 -0.25 -0.45 31.57
N ILE A 163 -1.33 0.34 31.51
CA ILE A 163 -1.17 1.78 31.34
C ILE A 163 -1.04 2.53 32.67
N MET B 1 -11.57 -27.55 -17.52
CA MET B 1 -10.44 -26.80 -18.08
C MET B 1 -9.81 -27.55 -19.24
N LYS B 2 -9.43 -26.82 -20.28
CA LYS B 2 -8.74 -27.43 -21.41
C LYS B 2 -7.30 -27.75 -21.05
N GLU B 3 -6.61 -28.47 -21.94
CA GLU B 3 -5.24 -28.89 -21.69
C GLU B 3 -4.30 -27.73 -21.92
N ILE B 4 -3.52 -27.39 -20.90
CA ILE B 4 -2.62 -26.27 -20.94
C ILE B 4 -1.18 -26.77 -20.88
N LYS B 5 -0.32 -26.23 -21.75
CA LYS B 5 1.06 -26.68 -21.84
C LYS B 5 2.05 -25.58 -21.53
N LEU B 6 1.56 -24.36 -21.39
CA LEU B 6 2.41 -23.22 -21.13
C LEU B 6 1.58 -22.13 -20.47
N ILE B 7 2.09 -21.55 -19.39
CA ILE B 7 1.41 -20.45 -18.74
C ILE B 7 2.26 -19.22 -18.99
N LEU B 8 1.65 -18.17 -19.53
CA LEU B 8 2.34 -16.91 -19.76
C LEU B 8 1.67 -15.81 -18.95
N THR B 9 2.46 -14.83 -18.55
CA THR B 9 1.97 -13.80 -17.67
C THR B 9 2.68 -12.50 -17.90
N ASP B 10 1.89 -11.44 -17.88
CA ASP B 10 2.36 -10.07 -17.85
C ASP B 10 2.89 -9.84 -16.45
N ILE B 11 3.59 -8.71 -16.22
CA ILE B 11 4.06 -8.37 -14.88
C ILE B 11 3.25 -7.24 -14.22
N ASP B 12 3.43 -6.01 -14.71
CA ASP B 12 2.78 -4.83 -14.16
C ASP B 12 1.25 -4.89 -14.21
N GLY B 13 0.62 -4.87 -13.05
CA GLY B 13 -0.83 -4.94 -13.01
C GLY B 13 -1.31 -6.37 -12.83
N VAL B 14 -0.39 -7.33 -12.90
CA VAL B 14 -0.71 -8.72 -12.58
C VAL B 14 0.05 -9.16 -11.34
N TRP B 15 1.37 -9.22 -11.46
CA TRP B 15 2.25 -9.52 -10.35
C TRP B 15 2.37 -8.36 -9.36
N THR B 16 1.94 -7.18 -9.79
CA THR B 16 1.92 -6.00 -8.93
C THR B 16 0.57 -5.31 -9.17
N ASP B 17 0.23 -4.32 -8.35
CA ASP B 17 -0.98 -3.54 -8.56
C ASP B 17 -0.76 -2.41 -9.59
N GLY B 18 0.31 -2.51 -10.38
CA GLY B 18 0.59 -1.49 -11.37
C GLY B 18 1.50 -0.40 -10.80
N GLY B 19 1.83 -0.54 -9.52
CA GLY B 19 2.67 0.43 -8.85
C GLY B 19 4.08 0.47 -9.38
N MET B 20 4.61 1.68 -9.47
CA MET B 20 5.99 1.90 -9.92
C MET B 20 6.57 3.00 -9.05
N PHE B 21 7.46 2.64 -8.15
CA PHE B 21 8.02 3.60 -7.21
C PHE B 21 9.26 4.24 -7.82
N TYR B 22 9.30 5.56 -7.80
CA TYR B 22 10.44 6.31 -8.31
C TYR B 22 11.09 7.05 -7.16
N ASP B 23 12.41 6.99 -7.03
CA ASP B 23 13.09 7.86 -6.07
C ASP B 23 13.73 9.09 -6.74
N GLN B 24 14.56 9.81 -5.99
CA GLN B 24 15.17 11.05 -6.49
C GLN B 24 16.40 10.80 -7.34
N THR B 25 16.87 9.57 -7.37
CA THR B 25 18.17 9.26 -7.95
C THR B 25 18.10 8.45 -9.25
N GLY B 26 16.90 8.18 -9.74
CA GLY B 26 16.75 7.38 -10.94
C GLY B 26 16.62 5.89 -10.68
N ASN B 27 16.49 5.52 -9.41
CA ASN B 27 16.20 4.13 -9.05
C ASN B 27 14.69 3.84 -9.22
N GLU B 28 14.30 2.57 -9.23
CA GLU B 28 12.91 2.19 -9.43
C GLU B 28 12.58 0.93 -8.62
N TRP B 29 11.32 0.80 -8.21
CA TRP B 29 10.87 -0.34 -7.41
C TRP B 29 9.63 -0.94 -8.02
N LYS B 30 9.44 -2.25 -7.84
CA LYS B 30 8.12 -2.85 -7.94
C LYS B 30 7.88 -3.63 -6.66
N LYS B 31 6.61 -3.80 -6.31
CA LYS B 31 6.25 -4.62 -5.16
C LYS B 31 5.57 -5.91 -5.62
N PHE B 32 6.28 -7.02 -5.44
CA PHE B 32 5.73 -8.34 -5.73
C PHE B 32 5.07 -8.94 -4.50
N ASN B 33 4.21 -9.92 -4.73
CA ASN B 33 3.58 -10.65 -3.64
C ASN B 33 4.11 -12.08 -3.62
N THR B 34 4.70 -12.46 -2.49
CA THR B 34 5.25 -13.80 -2.33
C THR B 34 4.22 -14.89 -2.62
N SER B 35 2.94 -14.53 -2.47
CA SER B 35 1.87 -15.47 -2.77
C SER B 35 1.99 -16.00 -4.20
N ASP B 36 2.40 -15.14 -5.13
CA ASP B 36 2.45 -15.51 -6.53
C ASP B 36 3.51 -16.59 -6.84
N SER B 37 4.47 -16.78 -5.95
CA SER B 37 5.44 -17.86 -6.14
C SER B 37 4.76 -19.23 -6.13
N ALA B 38 3.66 -19.35 -5.38
CA ALA B 38 2.90 -20.59 -5.40
C ALA B 38 2.34 -20.90 -6.80
N GLY B 39 2.13 -19.86 -7.61
CA GLY B 39 1.76 -20.05 -9.00
C GLY B 39 2.83 -20.80 -9.78
N ILE B 40 4.09 -20.48 -9.51
CA ILE B 40 5.21 -21.15 -10.17
C ILE B 40 5.32 -22.57 -9.60
N PHE B 41 5.13 -22.68 -8.30
CA PHE B 41 5.16 -23.99 -7.64
C PHE B 41 4.18 -24.95 -8.28
N TRP B 42 2.92 -24.53 -8.37
CA TRP B 42 1.88 -25.37 -8.93
C TRP B 42 2.09 -25.66 -10.39
N ALA B 43 2.49 -24.66 -11.16
CA ALA B 43 2.80 -24.90 -12.57
C ALA B 43 3.84 -26.00 -12.69
N HIS B 44 4.98 -25.84 -12.00
CA HIS B 44 6.09 -26.80 -12.07
C HIS B 44 5.73 -28.16 -11.51
N ASN B 45 4.89 -28.18 -10.48
CA ASN B 45 4.34 -29.43 -9.96
C ASN B 45 3.60 -30.22 -11.06
N LYS B 46 3.02 -29.51 -12.01
CA LYS B 46 2.26 -30.17 -13.07
C LYS B 46 3.06 -30.30 -14.36
N GLY B 47 4.34 -29.98 -14.29
CA GLY B 47 5.21 -30.12 -15.45
C GLY B 47 4.91 -29.09 -16.53
N ILE B 48 4.41 -27.93 -16.11
CA ILE B 48 4.09 -26.86 -17.05
C ILE B 48 5.02 -25.68 -16.87
N PRO B 49 5.66 -25.25 -17.97
CA PRO B 49 6.57 -24.11 -17.93
C PRO B 49 5.81 -22.78 -17.77
N VAL B 50 6.48 -21.79 -17.22
CA VAL B 50 5.93 -20.46 -17.07
C VAL B 50 6.83 -19.45 -17.77
N GLY B 51 6.23 -18.54 -18.53
CA GLY B 51 7.00 -17.53 -19.17
C GLY B 51 6.46 -16.17 -18.81
N ILE B 52 7.37 -15.24 -18.56
CA ILE B 52 7.02 -13.84 -18.40
C ILE B 52 7.14 -13.10 -19.72
N LEU B 53 6.08 -12.37 -20.06
CA LEU B 53 6.12 -11.36 -21.11
C LEU B 53 5.83 -9.99 -20.51
N THR B 54 6.72 -9.03 -20.73
CA THR B 54 6.47 -7.65 -20.31
C THR B 54 7.04 -6.63 -21.31
N GLY B 55 6.37 -5.48 -21.44
CA GLY B 55 6.85 -4.43 -22.31
C GLY B 55 7.98 -3.64 -21.65
N GLU B 56 7.98 -3.59 -20.31
CA GLU B 56 9.07 -2.96 -19.57
C GLU B 56 10.33 -3.81 -19.67
N LYS B 57 11.46 -3.23 -19.27
CA LYS B 57 12.70 -3.98 -19.18
C LYS B 57 13.51 -3.47 -18.01
N THR B 58 13.58 -4.27 -16.95
CA THR B 58 14.23 -3.81 -15.74
C THR B 58 15.03 -4.92 -15.10
N GLU B 59 16.03 -4.52 -14.33
CA GLU B 59 16.74 -5.44 -13.45
C GLU B 59 15.78 -6.02 -12.40
N ILE B 60 14.85 -5.19 -11.95
CA ILE B 60 13.82 -5.60 -11.00
C ILE B 60 13.16 -6.93 -11.37
N VAL B 61 12.65 -7.02 -12.60
CA VAL B 61 11.92 -8.19 -13.06
C VAL B 61 12.88 -9.34 -13.33
N ARG B 62 14.11 -8.97 -13.71
CA ARG B 62 15.15 -9.93 -13.99
C ARG B 62 15.45 -10.70 -12.70
N ARG B 63 15.62 -9.99 -11.61
CA ARG B 63 15.84 -10.63 -10.33
C ARG B 63 14.65 -11.48 -9.92
N ARG B 64 13.45 -10.92 -10.04
CA ARG B 64 12.26 -11.66 -9.61
C ARG B 64 12.08 -12.96 -10.41
N ALA B 65 12.24 -12.90 -11.73
CA ALA B 65 12.16 -14.11 -12.54
C ALA B 65 13.19 -15.14 -12.09
N GLU B 66 14.38 -14.68 -11.73
CA GLU B 66 15.44 -15.57 -11.24
C GLU B 66 15.08 -16.19 -9.90
N LYS B 67 14.68 -15.36 -8.94
CA LYS B 67 14.29 -15.85 -7.63
C LYS B 67 13.16 -16.89 -7.74
N LEU B 68 12.25 -16.70 -8.69
CA LEU B 68 11.10 -17.60 -8.81
C LEU B 68 11.30 -18.76 -9.79
N LYS B 69 12.49 -18.81 -10.42
CA LYS B 69 12.82 -19.86 -11.37
C LYS B 69 11.84 -19.94 -12.54
N VAL B 70 11.41 -18.77 -13.02
CA VAL B 70 10.51 -18.74 -14.16
C VAL B 70 11.27 -19.26 -15.39
N ASP B 71 10.59 -20.06 -16.19
CA ASP B 71 11.25 -20.76 -17.28
C ASP B 71 11.70 -19.83 -18.38
N TYR B 72 10.85 -18.86 -18.71
CA TYR B 72 11.09 -17.93 -19.81
C TYR B 72 10.88 -16.50 -19.35
N LEU B 73 11.78 -15.62 -19.74
CA LEU B 73 11.68 -14.20 -19.43
C LEU B 73 11.88 -13.39 -20.71
N PHE B 74 10.80 -12.79 -21.20
CA PHE B 74 10.90 -11.87 -22.33
C PHE B 74 10.55 -10.46 -21.89
N GLN B 75 11.50 -9.54 -21.99
CA GLN B 75 11.25 -8.16 -21.63
C GLN B 75 11.40 -7.28 -22.85
N GLY B 76 11.07 -6.00 -22.68
CA GLY B 76 11.10 -5.05 -23.78
C GLY B 76 10.21 -5.46 -24.93
N VAL B 77 9.19 -6.29 -24.65
CA VAL B 77 8.36 -6.86 -25.71
C VAL B 77 7.39 -5.83 -26.29
N VAL B 78 7.51 -5.55 -27.58
CA VAL B 78 6.59 -4.60 -28.23
C VAL B 78 5.34 -5.28 -28.78
N ASP B 79 5.44 -6.55 -29.14
CA ASP B 79 4.32 -7.32 -29.64
C ASP B 79 4.18 -8.66 -28.92
N LYS B 80 3.31 -8.71 -27.91
CA LYS B 80 3.19 -9.90 -27.08
C LYS B 80 2.60 -11.10 -27.80
N LEU B 81 1.70 -10.86 -28.75
CA LEU B 81 1.13 -11.95 -29.52
C LEU B 81 2.21 -12.70 -30.33
N SER B 82 3.02 -11.96 -31.07
CA SER B 82 4.17 -12.51 -31.82
C SER B 82 5.14 -13.25 -30.90
N ALA B 83 5.56 -12.59 -29.83
CA ALA B 83 6.47 -13.21 -28.87
C ALA B 83 5.91 -14.53 -28.36
N ALA B 84 4.62 -14.57 -28.08
CA ALA B 84 4.00 -15.82 -27.66
C ALA B 84 3.98 -16.83 -28.82
N GLU B 85 3.72 -16.33 -30.02
CA GLU B 85 3.70 -17.18 -31.21
C GLU B 85 5.02 -17.89 -31.48
N GLU B 86 6.14 -17.17 -31.42
CA GLU B 86 7.42 -17.84 -31.71
C GLU B 86 7.79 -18.80 -30.60
N LEU B 87 7.55 -18.40 -29.35
CA LEU B 87 7.82 -19.32 -28.25
C LEU B 87 6.98 -20.57 -28.40
N CYS B 88 5.76 -20.41 -28.89
CA CYS B 88 4.88 -21.56 -29.14
C CYS B 88 5.43 -22.43 -30.27
N ASN B 89 5.85 -21.81 -31.36
CA ASN B 89 6.52 -22.54 -32.43
C ASN B 89 7.75 -23.27 -31.87
N GLU B 90 8.59 -22.52 -31.16
CA GLU B 90 9.81 -23.05 -30.55
C GLU B 90 9.55 -24.26 -29.63
N LEU B 91 8.36 -24.34 -29.05
CA LEU B 91 8.04 -25.42 -28.14
C LEU B 91 7.18 -26.48 -28.79
N GLY B 92 6.74 -26.22 -30.01
CA GLY B 92 5.84 -27.14 -30.69
C GLY B 92 4.43 -27.22 -30.11
N ILE B 93 3.95 -26.14 -29.52
CA ILE B 93 2.56 -26.08 -29.09
C ILE B 93 1.85 -24.96 -29.83
N ASN B 94 0.52 -24.86 -29.67
CA ASN B 94 -0.18 -23.71 -30.23
C ASN B 94 -0.90 -22.91 -29.17
N LEU B 95 -1.36 -21.72 -29.56
CA LEU B 95 -1.97 -20.78 -28.64
C LEU B 95 -3.14 -21.34 -27.82
N GLU B 96 -3.84 -22.32 -28.37
CA GLU B 96 -4.98 -22.92 -27.69
C GLU B 96 -4.57 -23.71 -26.42
N GLN B 97 -3.29 -24.07 -26.34
CA GLN B 97 -2.76 -24.76 -25.16
C GLN B 97 -1.98 -23.80 -24.25
N VAL B 98 -2.03 -22.52 -24.57
CA VAL B 98 -1.47 -21.48 -23.72
C VAL B 98 -2.52 -20.87 -22.80
N ALA B 99 -2.18 -20.69 -21.52
CA ALA B 99 -2.97 -19.84 -20.63
C ALA B 99 -2.20 -18.54 -20.38
N TYR B 100 -2.80 -17.41 -20.73
CA TYR B 100 -2.15 -16.12 -20.55
C TYR B 100 -2.95 -15.20 -19.64
N ILE B 101 -2.25 -14.49 -18.78
CA ILE B 101 -2.87 -13.50 -17.91
C ILE B 101 -2.24 -12.13 -18.14
N GLY B 102 -3.08 -11.13 -18.38
CA GLY B 102 -2.62 -9.77 -18.64
C GLY B 102 -3.67 -8.76 -18.21
N ASP B 103 -3.35 -7.47 -18.23
CA ASP B 103 -4.26 -6.50 -17.64
C ASP B 103 -4.47 -5.23 -18.45
N ASP B 104 -3.83 -5.09 -19.61
CA ASP B 104 -3.95 -3.81 -20.31
C ASP B 104 -3.90 -3.90 -21.81
N LEU B 105 -3.89 -2.73 -22.46
CA LEU B 105 -4.04 -2.61 -23.91
C LEU B 105 -3.04 -3.49 -24.64
N ASN B 106 -1.78 -3.44 -24.23
CA ASN B 106 -0.76 -4.23 -24.94
C ASN B 106 -0.96 -5.73 -24.84
N ASP B 107 -1.85 -6.16 -23.94
CA ASP B 107 -2.12 -7.60 -23.75
C ASP B 107 -3.28 -8.08 -24.60
N ALA B 108 -4.07 -7.14 -25.11
CA ALA B 108 -5.36 -7.45 -25.71
C ALA B 108 -5.32 -8.49 -26.84
N LYS B 109 -4.40 -8.32 -27.78
CA LYS B 109 -4.30 -9.23 -28.92
C LYS B 109 -3.96 -10.65 -28.48
N LEU B 110 -3.00 -10.78 -27.57
CA LEU B 110 -2.62 -12.10 -27.09
C LEU B 110 -3.78 -12.75 -26.33
N LEU B 111 -4.51 -11.95 -25.55
CA LEU B 111 -5.60 -12.45 -24.72
C LEU B 111 -6.72 -13.05 -25.56
N LYS B 112 -6.96 -12.48 -26.74
CA LYS B 112 -8.04 -12.98 -27.62
C LYS B 112 -7.68 -14.28 -28.33
N ARG B 113 -6.40 -14.65 -28.31
CA ARG B 113 -5.91 -15.80 -29.07
C ARG B 113 -5.52 -17.03 -28.25
N VAL B 114 -5.37 -16.87 -26.93
CA VAL B 114 -4.92 -17.96 -26.07
C VAL B 114 -6.09 -18.86 -25.70
N GLY B 115 -5.78 -20.07 -25.24
CA GLY B 115 -6.78 -21.05 -24.88
C GLY B 115 -7.52 -20.69 -23.61
N ILE B 116 -6.79 -20.10 -22.67
CA ILE B 116 -7.44 -19.55 -21.48
C ILE B 116 -6.86 -18.18 -21.22
N ALA B 117 -7.71 -17.16 -21.25
CA ALA B 117 -7.28 -15.81 -20.95
C ALA B 117 -7.71 -15.41 -19.54
N GLY B 118 -6.80 -14.79 -18.81
CA GLY B 118 -7.08 -14.32 -17.47
C GLY B 118 -6.78 -12.83 -17.37
N VAL B 119 -7.64 -12.10 -16.68
CA VAL B 119 -7.47 -10.68 -16.46
C VAL B 119 -7.86 -10.35 -15.01
N PRO B 120 -7.01 -9.64 -14.27
CA PRO B 120 -7.30 -9.28 -12.87
C PRO B 120 -8.54 -8.40 -12.77
N ALA B 121 -9.17 -8.40 -11.59
CA ALA B 121 -10.41 -7.64 -11.39
C ALA B 121 -10.11 -6.16 -11.45
N SER B 122 -8.84 -5.81 -11.23
CA SER B 122 -8.41 -4.42 -11.22
C SER B 122 -8.28 -3.78 -12.61
N ALA B 123 -8.33 -4.60 -13.65
CA ALA B 123 -8.05 -4.13 -15.01
C ALA B 123 -9.22 -3.35 -15.60
N PRO B 124 -8.94 -2.51 -16.62
CA PRO B 124 -10.01 -1.79 -17.33
C PRO B 124 -11.05 -2.76 -17.81
N PHE B 125 -12.28 -2.32 -17.89
CA PHE B 125 -13.37 -3.21 -18.27
C PHE B 125 -13.17 -3.77 -19.67
N TYR B 126 -12.60 -2.99 -20.59
CA TYR B 126 -12.48 -3.49 -21.96
C TYR B 126 -11.45 -4.62 -22.09
N ILE B 127 -10.50 -4.68 -21.15
CA ILE B 127 -9.58 -5.82 -21.06
C ILE B 127 -10.21 -6.95 -20.26
N ARG B 128 -10.84 -6.60 -19.15
CA ARG B 128 -11.45 -7.57 -18.27
C ARG B 128 -12.45 -8.48 -19.00
N ARG B 129 -13.23 -7.91 -19.90
CA ARG B 129 -14.22 -8.68 -20.64
C ARG B 129 -13.62 -9.72 -21.61
N LEU B 130 -12.31 -9.70 -21.80
CA LEU B 130 -11.64 -10.70 -22.63
C LEU B 130 -11.25 -11.95 -21.81
N SER B 131 -11.30 -11.83 -20.48
CA SER B 131 -11.00 -12.97 -19.63
C SER B 131 -11.95 -14.11 -20.01
N THR B 132 -11.45 -15.34 -20.01
CA THR B 132 -12.29 -16.47 -20.34
C THR B 132 -12.60 -17.26 -19.08
N ILE B 133 -11.96 -16.87 -17.97
CA ILE B 133 -12.32 -17.37 -16.65
C ILE B 133 -12.44 -16.17 -15.70
N PHE B 134 -13.23 -16.33 -14.65
CA PHE B 134 -13.38 -15.28 -13.66
C PHE B 134 -12.22 -15.25 -12.69
N LEU B 135 -11.61 -14.08 -12.51
CA LEU B 135 -10.61 -13.94 -11.46
C LEU B 135 -11.11 -12.91 -10.47
N GLU B 136 -11.15 -13.30 -9.20
CA GLU B 136 -11.64 -12.46 -8.11
C GLU B 136 -10.61 -11.41 -7.68
N LYS B 137 -9.33 -11.77 -7.65
CA LYS B 137 -8.29 -10.92 -7.09
C LYS B 137 -7.74 -9.81 -8.00
N ARG B 138 -7.23 -8.75 -7.39
CA ARG B 138 -6.64 -7.65 -8.16
C ARG B 138 -5.12 -7.86 -8.35
N GLY B 139 -4.51 -7.14 -9.29
CA GLY B 139 -3.07 -7.27 -9.51
C GLY B 139 -2.34 -6.98 -8.22
N GLY B 140 -1.30 -7.77 -7.93
CA GLY B 140 -0.56 -7.60 -6.69
C GLY B 140 -1.17 -8.30 -5.49
N GLU B 141 -2.37 -8.83 -5.64
CA GLU B 141 -3.04 -9.50 -4.53
C GLU B 141 -2.84 -11.02 -4.59
N GLY B 142 -2.02 -11.50 -5.51
CA GLY B 142 -1.83 -12.93 -5.65
C GLY B 142 -2.73 -13.47 -6.74
N VAL B 143 -3.00 -12.63 -7.74
CA VAL B 143 -3.93 -13.03 -8.81
C VAL B 143 -3.27 -13.99 -9.81
N PHE B 144 -1.94 -13.93 -9.93
CA PHE B 144 -1.23 -14.89 -10.76
C PHE B 144 -1.40 -16.30 -10.17
N ARG B 145 -1.21 -16.42 -8.87
CA ARG B 145 -1.50 -17.66 -8.17
C ARG B 145 -2.94 -18.13 -8.38
N GLU B 146 -3.91 -17.23 -8.19
CA GLU B 146 -5.31 -17.55 -8.41
C GLU B 146 -5.50 -18.09 -9.83
N PHE B 147 -4.90 -17.43 -10.80
CA PHE B 147 -4.98 -17.85 -12.19
C PHE B 147 -4.42 -19.27 -12.37
N VAL B 148 -3.17 -19.50 -11.94
CA VAL B 148 -2.57 -20.82 -12.09
C VAL B 148 -3.40 -21.93 -11.42
N GLU B 149 -3.78 -21.70 -10.16
CA GLU B 149 -4.62 -22.66 -9.45
C GLU B 149 -5.95 -22.94 -10.15
N LYS B 150 -6.56 -21.94 -10.79
CA LYS B 150 -7.78 -22.18 -11.55
C LYS B 150 -7.50 -22.89 -12.87
N VAL B 151 -6.47 -22.44 -13.57
CA VAL B 151 -6.12 -23.03 -14.86
C VAL B 151 -5.75 -24.52 -14.74
N LEU B 152 -5.10 -24.89 -13.65
CA LEU B 152 -4.65 -26.27 -13.47
C LEU B 152 -5.56 -27.08 -12.57
N GLY B 153 -6.70 -26.53 -12.19
CA GLY B 153 -7.59 -27.24 -11.28
C GLY B 153 -6.91 -27.75 -10.02
N ILE B 154 -6.11 -26.89 -9.40
CA ILE B 154 -5.51 -27.23 -8.12
C ILE B 154 -6.62 -27.35 -7.06
N ASN B 155 -6.75 -28.51 -6.46
CA ASN B 155 -7.77 -28.73 -5.45
C ASN B 155 -7.16 -29.17 -4.12
N LEU B 156 -8.02 -29.43 -3.14
CA LEU B 156 -7.56 -29.78 -1.79
C LEU B 156 -6.71 -31.06 -1.80
N GLU B 157 -7.14 -32.05 -2.57
CA GLU B 157 -6.39 -33.28 -2.82
C GLU B 157 -4.94 -32.96 -3.19
N ASP B 158 -4.75 -32.03 -4.12
CA ASP B 158 -3.40 -31.66 -4.54
C ASP B 158 -2.63 -31.07 -3.38
N PHE B 159 -3.31 -30.26 -2.59
CA PHE B 159 -2.68 -29.64 -1.43
C PHE B 159 -2.26 -30.70 -0.42
N ILE B 160 -3.16 -31.60 -0.08
CA ILE B 160 -2.87 -32.63 0.91
C ILE B 160 -1.67 -33.48 0.50
N ALA B 161 -1.60 -33.78 -0.81
CA ALA B 161 -0.53 -34.60 -1.36
C ALA B 161 0.86 -33.94 -1.31
N VAL B 162 0.91 -32.61 -1.32
CA VAL B 162 2.21 -31.92 -1.28
C VAL B 162 2.68 -31.38 0.07
N ILE B 163 1.98 -31.70 1.16
CA ILE B 163 2.41 -31.24 2.49
C ILE B 163 2.72 -32.38 3.45
N MET C 1 -18.11 22.83 19.69
CA MET C 1 -16.78 22.27 19.89
C MET C 1 -15.99 23.12 20.87
N LYS C 2 -15.50 22.50 21.94
CA LYS C 2 -14.79 23.22 22.99
C LYS C 2 -13.55 23.96 22.49
N GLU C 3 -13.02 24.83 23.34
CA GLU C 3 -11.90 25.69 22.94
C GLU C 3 -10.57 24.94 22.96
N ILE C 4 -9.86 24.99 21.84
CA ILE C 4 -8.58 24.30 21.72
C ILE C 4 -7.44 25.28 21.46
N LYS C 5 -6.39 25.15 22.27
CA LYS C 5 -5.23 26.03 22.13
C LYS C 5 -4.03 25.28 21.58
N LEU C 6 -4.09 23.96 21.56
CA LEU C 6 -2.94 23.17 21.11
C LEU C 6 -3.36 21.83 20.53
N ILE C 7 -2.74 21.47 19.41
CA ILE C 7 -3.00 20.19 18.81
C ILE C 7 -1.75 19.34 18.83
N LEU C 8 -1.81 18.20 19.51
CA LEU C 8 -0.69 17.29 19.57
C LEU C 8 -1.01 16.04 18.77
N THR C 9 0.00 15.44 18.16
CA THR C 9 -0.23 14.27 17.34
C THR C 9 0.91 13.25 17.44
N ASP C 10 0.50 11.99 17.53
CA ASP C 10 1.39 10.86 17.40
C ASP C 10 1.72 10.73 15.90
N ILE C 11 2.73 9.94 15.56
CA ILE C 11 3.09 9.74 14.16
C ILE C 11 2.64 8.37 13.63
N ASP C 12 3.31 7.30 14.04
CA ASP C 12 3.02 5.96 13.47
C ASP C 12 1.59 5.50 13.77
N GLY C 13 0.85 5.13 12.74
CA GLY C 13 -0.52 4.69 12.95
C GLY C 13 -1.51 5.85 12.95
N VAL C 14 -0.98 7.07 12.81
CA VAL C 14 -1.81 8.27 12.63
C VAL C 14 -1.43 8.96 11.32
N TRP C 15 -0.23 9.55 11.28
CA TRP C 15 0.31 10.10 10.02
C TRP C 15 0.72 8.98 9.06
N THR C 16 0.77 7.75 9.57
CA THR C 16 1.02 6.59 8.71
C THR C 16 0.03 5.49 9.05
N ASP C 17 0.06 4.41 8.27
CA ASP C 17 -0.72 3.22 8.58
C ASP C 17 -0.01 2.27 9.55
N GLY C 18 1.08 2.73 10.15
CA GLY C 18 1.87 1.86 11.01
C GLY C 18 3.03 1.24 10.27
N GLY C 19 3.07 1.45 8.96
CA GLY C 19 4.10 0.91 8.09
C GLY C 19 5.50 1.32 8.49
N MET C 20 6.38 0.32 8.55
CA MET C 20 7.79 0.51 8.75
C MET C 20 8.53 -0.31 7.71
N PHE C 21 9.06 0.37 6.69
CA PHE C 21 9.79 -0.31 5.63
C PHE C 21 11.27 -0.46 6.02
N TYR C 22 11.79 -1.68 5.90
CA TYR C 22 13.19 -1.96 6.19
C TYR C 22 13.82 -2.46 4.91
N ASP C 23 15.01 -1.98 4.59
CA ASP C 23 15.77 -2.59 3.51
C ASP C 23 16.89 -3.46 4.10
N GLN C 24 17.78 -3.95 3.24
CA GLN C 24 18.90 -4.80 3.65
C GLN C 24 20.07 -4.01 4.28
N THR C 25 20.07 -2.69 4.12
CA THR C 25 21.25 -1.91 4.49
C THR C 25 21.11 -1.11 5.80
N GLY C 26 20.03 -1.35 6.55
CA GLY C 26 19.80 -0.60 7.78
C GLY C 26 19.05 0.72 7.58
N ASN C 27 18.70 1.04 6.35
CA ASN C 27 17.87 2.22 6.07
C ASN C 27 16.40 1.93 6.41
N GLU C 28 15.60 2.99 6.55
CA GLU C 28 14.20 2.83 6.97
C GLU C 28 13.33 3.90 6.32
N TRP C 29 12.08 3.55 6.05
CA TRP C 29 11.12 4.45 5.42
C TRP C 29 9.83 4.56 6.21
N LYS C 30 9.20 5.73 6.16
CA LYS C 30 7.79 5.87 6.51
C LYS C 30 7.05 6.43 5.31
N LYS C 31 5.76 6.12 5.20
CA LYS C 31 4.94 6.70 4.14
C LYS C 31 3.97 7.71 4.73
N PHE C 32 4.18 8.99 4.44
CA PHE C 32 3.27 10.03 4.86
C PHE C 32 2.20 10.29 3.79
N ASN C 33 1.18 11.03 4.15
CA ASN C 33 0.12 11.38 3.19
C ASN C 33 0.06 12.90 3.13
N THR C 34 0.13 13.43 1.91
CA THR C 34 0.22 14.86 1.73
C THR C 34 -1.04 15.55 2.24
N SER C 35 -2.15 14.82 2.23
CA SER C 35 -3.40 15.34 2.76
C SER C 35 -3.25 15.85 4.18
N ASP C 36 -2.45 15.18 5.01
CA ASP C 36 -2.27 15.62 6.39
C ASP C 36 -1.59 16.99 6.54
N SER C 37 -0.87 17.45 5.51
CA SER C 37 -0.31 18.79 5.55
C SER C 37 -1.39 19.86 5.68
N ALA C 38 -2.59 19.55 5.19
CA ALA C 38 -3.71 20.47 5.25
C ALA C 38 -4.20 20.60 6.68
N GLY C 39 -3.93 19.57 7.49
CA GLY C 39 -4.22 19.62 8.90
C GLY C 39 -3.38 20.70 9.56
N ILE C 40 -2.12 20.78 9.15
CA ILE C 40 -1.23 21.82 9.64
C ILE C 40 -1.74 23.18 9.14
N PHE C 41 -2.04 23.26 7.84
CA PHE C 41 -2.59 24.47 7.24
C PHE C 41 -3.79 24.99 8.01
N TRP C 42 -4.74 24.12 8.34
CA TRP C 42 -5.91 24.58 9.08
C TRP C 42 -5.55 25.06 10.49
N ALA C 43 -4.69 24.32 11.18
CA ALA C 43 -4.26 24.74 12.52
C ALA C 43 -3.63 26.12 12.46
N HIS C 44 -2.69 26.30 11.56
CA HIS C 44 -2.01 27.58 11.44
C HIS C 44 -2.94 28.69 10.96
N ASN C 45 -3.82 28.36 10.02
CA ASN C 45 -4.83 29.31 9.61
C ASN C 45 -5.64 29.81 10.82
N LYS C 46 -5.89 28.92 11.78
CA LYS C 46 -6.65 29.26 12.96
C LYS C 46 -5.81 29.74 14.14
N GLY C 47 -4.51 29.99 13.92
CA GLY C 47 -3.64 30.46 14.97
C GLY C 47 -3.35 29.43 16.06
N ILE C 48 -3.47 28.14 15.72
CA ILE C 48 -3.26 27.07 16.68
C ILE C 48 -1.98 26.30 16.35
N PRO C 49 -1.09 26.13 17.34
CA PRO C 49 0.16 25.39 17.13
C PRO C 49 -0.03 23.85 17.05
N VAL C 50 0.87 23.19 16.32
CA VAL C 50 0.85 21.74 16.26
C VAL C 50 2.15 21.15 16.82
N GLY C 51 2.03 20.20 17.73
CA GLY C 51 3.19 19.47 18.24
C GLY C 51 3.16 17.98 17.93
N ILE C 52 4.31 17.45 17.54
CA ILE C 52 4.47 16.02 17.31
C ILE C 52 5.13 15.33 18.52
N LEU C 53 4.43 14.38 19.13
CA LEU C 53 4.99 13.44 20.12
C LEU C 53 5.17 12.06 19.52
N THR C 54 6.38 11.51 19.61
CA THR C 54 6.66 10.15 19.16
C THR C 54 7.75 9.51 20.01
N GLY C 55 7.62 8.21 20.25
CA GLY C 55 8.61 7.46 21.00
C GLY C 55 9.70 6.90 20.13
N GLU C 56 9.49 6.89 18.81
CA GLU C 56 10.57 6.56 17.89
C GLU C 56 11.39 7.85 17.75
N LYS C 57 12.57 7.73 17.15
CA LYS C 57 13.40 8.90 16.90
C LYS C 57 14.09 8.68 15.57
N THR C 58 13.62 9.39 14.54
CA THR C 58 14.09 9.15 13.19
C THR C 58 14.35 10.46 12.44
N GLU C 59 15.27 10.38 11.50
CA GLU C 59 15.51 11.48 10.58
C GLU C 59 14.28 11.64 9.68
N ILE C 60 13.64 10.52 9.38
CA ILE C 60 12.38 10.50 8.65
C ILE C 60 11.37 11.53 9.20
N VAL C 61 11.08 11.45 10.49
CA VAL C 61 10.11 12.34 11.12
C VAL C 61 10.64 13.76 11.27
N ARG C 62 11.95 13.89 11.51
CA ARG C 62 12.58 15.20 11.57
C ARG C 62 12.40 15.94 10.25
N ARG C 63 12.66 15.26 9.14
CA ARG C 63 12.53 15.91 7.84
C ARG C 63 11.07 16.21 7.50
N ARG C 64 10.18 15.27 7.81
CA ARG C 64 8.76 15.49 7.56
C ARG C 64 8.21 16.65 8.39
N ALA C 65 8.61 16.74 9.66
CA ALA C 65 8.18 17.82 10.54
C ALA C 65 8.65 19.17 10.00
N GLU C 66 9.91 19.20 9.56
CA GLU C 66 10.50 20.39 8.99
C GLU C 66 9.74 20.83 7.75
N LYS C 67 9.52 19.89 6.84
CA LYS C 67 8.78 20.13 5.61
C LYS C 67 7.42 20.76 5.92
N LEU C 68 6.76 20.28 6.97
CA LEU C 68 5.40 20.75 7.28
C LEU C 68 5.34 21.94 8.25
N LYS C 69 6.52 22.44 8.64
CA LYS C 69 6.63 23.60 9.53
C LYS C 69 5.91 23.39 10.85
N VAL C 70 5.99 22.17 11.36
CA VAL C 70 5.38 21.82 12.63
C VAL C 70 6.06 22.62 13.73
N ASP C 71 5.27 23.09 14.69
CA ASP C 71 5.76 24.03 15.68
C ASP C 71 6.66 23.34 16.69
N TYR C 72 6.32 22.11 17.04
CA TYR C 72 7.08 21.34 18.02
C TYR C 72 7.31 19.92 17.53
N LEU C 73 8.50 19.40 17.79
CA LEU C 73 8.80 18.01 17.50
C LEU C 73 9.46 17.42 18.72
N PHE C 74 8.79 16.47 19.35
CA PHE C 74 9.38 15.73 20.44
C PHE C 74 9.56 14.28 20.05
N GLN C 75 10.81 13.87 19.90
CA GLN C 75 11.12 12.50 19.56
C GLN C 75 11.63 11.72 20.77
N GLY C 76 11.62 10.40 20.65
CA GLY C 76 12.03 9.51 21.74
C GLY C 76 11.33 9.83 23.04
N VAL C 77 10.05 10.20 22.96
CA VAL C 77 9.27 10.47 24.16
C VAL C 77 8.84 9.13 24.75
N VAL C 78 9.05 8.95 26.05
CA VAL C 78 8.64 7.72 26.72
C VAL C 78 7.40 7.95 27.57
N ASP C 79 7.17 9.20 27.94
CA ASP C 79 6.03 9.57 28.75
C ASP C 79 5.28 10.71 28.07
N LYS C 80 4.39 10.35 27.16
CA LYS C 80 3.63 11.33 26.40
C LYS C 80 2.82 12.33 27.25
N LEU C 81 2.19 11.87 28.32
CA LEU C 81 1.43 12.77 29.19
C LEU C 81 2.32 13.83 29.82
N SER C 82 3.46 13.40 30.38
CA SER C 82 4.47 14.33 30.91
C SER C 82 4.91 15.33 29.86
N ALA C 83 5.22 14.85 28.66
CA ALA C 83 5.60 15.75 27.57
C ALA C 83 4.57 16.85 27.32
N ALA C 84 3.30 16.45 27.23
CA ALA C 84 2.22 17.40 27.00
C ALA C 84 2.01 18.33 28.19
N GLU C 85 2.01 17.77 29.39
CA GLU C 85 1.76 18.58 30.59
C GLU C 85 2.75 19.72 30.66
N GLU C 86 3.98 19.44 30.23
CA GLU C 86 5.06 20.41 30.31
C GLU C 86 4.99 21.45 29.21
N LEU C 87 4.74 21.00 27.99
CA LEU C 87 4.49 21.94 26.92
C LEU C 87 3.33 22.86 27.26
N CYS C 88 2.30 22.31 27.94
CA CYS C 88 1.15 23.11 28.33
C CYS C 88 1.57 24.20 29.30
N ASN C 89 2.37 23.80 30.28
CA ASN C 89 2.95 24.72 31.25
C ASN C 89 3.70 25.90 30.60
N GLU C 90 4.60 25.60 29.67
CA GLU C 90 5.31 26.64 28.91
C GLU C 90 4.38 27.57 28.12
N LEU C 91 3.23 27.04 27.69
CA LEU C 91 2.24 27.83 26.96
C LEU C 91 1.18 28.42 27.88
N GLY C 92 1.12 27.95 29.11
CA GLY C 92 0.13 28.43 30.05
C GLY C 92 -1.29 28.07 29.64
N ILE C 93 -1.45 26.85 29.17
CA ILE C 93 -2.76 26.30 28.88
C ILE C 93 -2.88 25.04 29.70
N ASN C 94 -4.08 24.49 29.80
CA ASN C 94 -4.27 23.24 30.48
C ASN C 94 -4.74 22.13 29.52
N LEU C 95 -4.54 20.88 29.93
CA LEU C 95 -4.84 19.71 29.09
C LEU C 95 -6.23 19.74 28.45
N GLU C 96 -7.18 20.36 29.14
CA GLU C 96 -8.54 20.55 28.66
C GLU C 96 -8.60 21.39 27.37
N GLN C 97 -7.47 22.00 27.02
CA GLN C 97 -7.44 22.86 25.86
C GLN C 97 -6.45 22.33 24.83
N VAL C 98 -6.13 21.05 24.96
CA VAL C 98 -5.32 20.32 23.99
C VAL C 98 -6.19 19.31 23.25
N ALA C 99 -5.98 19.18 21.94
CA ALA C 99 -6.52 18.05 21.17
C ALA C 99 -5.38 17.11 20.84
N TYR C 100 -5.49 15.85 21.24
CA TYR C 100 -4.44 14.87 20.95
C TYR C 100 -4.97 13.71 20.15
N ILE C 101 -4.23 13.31 19.13
CA ILE C 101 -4.60 12.12 18.38
C ILE C 101 -3.47 11.09 18.46
N GLY C 102 -3.81 9.89 18.93
CA GLY C 102 -2.86 8.79 19.07
C GLY C 102 -3.55 7.48 18.73
N ASP C 103 -2.79 6.40 18.59
CA ASP C 103 -3.39 5.12 18.20
C ASP C 103 -2.95 3.91 19.02
N ASP C 104 -2.06 4.08 19.99
CA ASP C 104 -1.56 2.87 20.67
C ASP C 104 -1.41 2.98 22.18
N LEU C 105 -0.95 1.88 22.79
CA LEU C 105 -0.83 1.77 24.24
C LEU C 105 -0.15 2.99 24.87
N ASN C 106 0.94 3.44 24.25
CA ASN C 106 1.69 4.55 24.82
C ASN C 106 0.98 5.89 24.75
N ASP C 107 -0.17 5.92 24.05
CA ASP C 107 -0.92 7.16 23.88
C ASP C 107 -2.05 7.28 24.89
N ALA C 108 -2.42 6.13 25.47
CA ALA C 108 -3.65 6.00 26.26
C ALA C 108 -3.78 6.99 27.40
N LYS C 109 -2.71 7.15 28.17
CA LYS C 109 -2.77 8.01 29.34
C LYS C 109 -2.97 9.46 28.93
N LEU C 110 -2.36 9.86 27.82
CA LEU C 110 -2.54 11.21 27.34
C LEU C 110 -3.94 11.40 26.76
N LEU C 111 -4.40 10.41 25.97
CA LEU C 111 -5.73 10.46 25.39
C LEU C 111 -6.80 10.66 26.46
N LYS C 112 -6.61 10.02 27.62
CA LYS C 112 -7.59 10.12 28.73
C LYS C 112 -7.62 11.48 29.45
N ARG C 113 -6.62 12.32 29.20
CA ARG C 113 -6.47 13.57 29.96
C ARG C 113 -6.74 14.84 29.15
N VAL C 114 -6.86 14.71 27.84
CA VAL C 114 -6.97 15.89 26.98
C VAL C 114 -8.44 16.31 26.75
N GLY C 115 -8.62 17.54 26.28
CA GLY C 115 -9.95 18.09 26.08
C GLY C 115 -10.71 17.38 24.97
N ILE C 116 -10.01 17.08 23.87
CA ILE C 116 -10.55 16.23 22.81
C ILE C 116 -9.55 15.16 22.40
N ALA C 117 -9.95 13.91 22.54
CA ALA C 117 -9.10 12.79 22.17
C ALA C 117 -9.58 12.19 20.85
N GLY C 118 -8.64 11.90 19.97
CA GLY C 118 -8.96 11.29 18.69
C GLY C 118 -8.10 10.06 18.49
N VAL C 119 -8.70 9.01 17.94
CA VAL C 119 -8.02 7.77 17.65
C VAL C 119 -8.46 7.30 16.26
N PRO C 120 -7.51 6.97 15.37
CA PRO C 120 -7.92 6.55 14.02
C PRO C 120 -8.74 5.27 14.07
N ALA C 121 -9.54 5.05 13.04
CA ALA C 121 -10.42 3.88 12.94
C ALA C 121 -9.66 2.56 12.91
N SER C 122 -8.36 2.63 12.65
CA SER C 122 -7.53 1.44 12.48
C SER C 122 -6.96 0.95 13.80
N ALA C 123 -7.09 1.76 14.83
CA ALA C 123 -6.42 1.49 16.08
C ALA C 123 -7.12 0.37 16.86
N PRO C 124 -6.40 -0.28 17.80
CA PRO C 124 -7.02 -1.33 18.62
C PRO C 124 -8.24 -0.80 19.36
N PHE C 125 -9.20 -1.69 19.58
CA PHE C 125 -10.47 -1.29 20.15
C PHE C 125 -10.32 -0.60 21.50
N TYR C 126 -9.36 -1.05 22.33
CA TYR C 126 -9.22 -0.48 23.66
C TYR C 126 -8.63 0.92 23.64
N ILE C 127 -7.99 1.29 22.54
CA ILE C 127 -7.55 2.68 22.36
C ILE C 127 -8.68 3.47 21.73
N ARG C 128 -9.28 2.91 20.69
N ARG C 128 -9.29 2.90 20.71
CA ARG C 128 -10.38 3.56 19.97
CA ARG C 128 -10.37 3.53 19.97
C ARG C 128 -11.44 4.09 20.91
C ARG C 128 -11.44 4.07 20.90
N ARG C 129 -11.82 3.29 21.90
CA ARG C 129 -12.86 3.70 22.84
C ARG C 129 -12.47 4.89 23.72
N LEU C 130 -11.21 5.29 23.66
CA LEU C 130 -10.80 6.50 24.38
C LEU C 130 -11.11 7.73 23.56
N SER C 131 -11.43 7.54 22.29
CA SER C 131 -11.70 8.67 21.41
C SER C 131 -12.91 9.42 21.96
N THR C 132 -12.84 10.74 22.00
CA THR C 132 -14.02 11.51 22.42
C THR C 132 -14.80 12.05 21.23
N ILE C 133 -14.25 11.86 20.03
CA ILE C 133 -14.94 12.18 18.77
C ILE C 133 -14.81 11.00 17.82
N PHE C 134 -15.75 10.88 16.89
CA PHE C 134 -15.68 9.83 15.87
C PHE C 134 -14.75 10.20 14.74
N LEU C 135 -13.76 9.36 14.45
CA LEU C 135 -12.95 9.56 13.27
C LEU C 135 -13.18 8.37 12.33
N GLU C 136 -13.46 8.66 11.06
CA GLU C 136 -13.72 7.61 10.08
C GLU C 136 -12.43 7.03 9.52
N LYS C 137 -11.44 7.89 9.33
CA LYS C 137 -10.25 7.50 8.59
C LYS C 137 -9.24 6.67 9.39
N ARG C 138 -8.56 5.78 8.68
CA ARG C 138 -7.47 5.00 9.26
C ARG C 138 -6.18 5.79 9.17
N GLY C 139 -5.18 5.40 9.95
CA GLY C 139 -3.88 6.02 9.88
C GLY C 139 -3.34 5.90 8.46
N GLY C 140 -2.66 6.96 8.02
CA GLY C 140 -2.12 7.03 6.67
C GLY C 140 -3.11 7.51 5.61
N GLU C 141 -4.39 7.61 5.98
CA GLU C 141 -5.44 8.00 5.04
C GLU C 141 -5.76 9.50 5.09
N GLY C 142 -5.04 10.24 5.92
CA GLY C 142 -5.40 11.63 6.17
C GLY C 142 -6.27 11.79 7.41
N VAL C 143 -6.04 10.93 8.40
CA VAL C 143 -6.82 11.01 9.64
C VAL C 143 -6.39 12.21 10.51
N PHE C 144 -5.13 12.62 10.40
CA PHE C 144 -4.70 13.80 11.12
C PHE C 144 -5.44 15.03 10.56
N ARG C 145 -5.59 15.11 9.23
CA ARG C 145 -6.40 16.17 8.62
C ARG C 145 -7.86 16.11 9.08
N GLU C 146 -8.44 14.92 9.08
CA GLU C 146 -9.81 14.76 9.56
C GLU C 146 -9.99 15.20 11.01
N PHE C 147 -9.00 14.91 11.85
CA PHE C 147 -9.02 15.25 13.27
C PHE C 147 -8.96 16.76 13.45
N VAL C 148 -8.02 17.39 12.77
CA VAL C 148 -7.89 18.83 12.80
C VAL C 148 -9.16 19.54 12.29
N GLU C 149 -9.66 19.14 11.13
CA GLU C 149 -10.85 19.78 10.59
C GLU C 149 -12.05 19.64 11.52
N LYS C 150 -12.20 18.47 12.16
CA LYS C 150 -13.23 18.32 13.19
C LYS C 150 -13.00 19.20 14.42
N VAL C 151 -11.81 19.07 15.00
CA VAL C 151 -11.49 19.76 16.23
C VAL C 151 -11.71 21.27 16.06
N LEU C 152 -11.28 21.80 14.92
CA LEU C 152 -11.37 23.23 14.64
C LEU C 152 -12.68 23.65 13.99
N GLY C 153 -13.57 22.68 13.73
CA GLY C 153 -14.86 22.97 13.14
C GLY C 153 -14.71 23.60 11.78
N ILE C 154 -13.74 23.13 11.01
CA ILE C 154 -13.51 23.65 9.67
C ILE C 154 -14.70 23.35 8.76
N ASN C 155 -15.26 24.38 8.13
CA ASN C 155 -16.44 24.19 7.29
C ASN C 155 -16.31 24.79 5.88
N LEU C 156 -17.39 24.76 5.11
CA LEU C 156 -17.34 25.21 3.72
C LEU C 156 -17.00 26.71 3.62
N GLU C 157 -17.53 27.49 4.55
CA GLU C 157 -17.26 28.92 4.62
C GLU C 157 -15.75 29.18 4.71
N ASP C 158 -15.07 28.47 5.62
CA ASP C 158 -13.61 28.56 5.78
C ASP C 158 -12.92 28.23 4.48
N PHE C 159 -13.40 27.20 3.81
CA PHE C 159 -12.88 26.80 2.51
C PHE C 159 -13.03 27.88 1.44
N ILE C 160 -14.22 28.48 1.36
CA ILE C 160 -14.45 29.56 0.40
C ILE C 160 -13.47 30.70 0.67
N ALA C 161 -13.38 31.09 1.94
CA ALA C 161 -12.50 32.18 2.37
C ALA C 161 -11.04 32.00 1.97
N VAL C 162 -10.50 30.79 2.17
CA VAL C 162 -9.09 30.58 1.86
C VAL C 162 -8.81 30.50 0.36
N ILE C 163 -9.86 30.30 -0.44
CA ILE C 163 -9.69 30.34 -1.89
C ILE C 163 -10.42 31.57 -2.47
N LYS D 2 -18.18 17.33 -24.02
CA LYS D 2 -17.67 18.70 -24.03
C LYS D 2 -16.30 18.81 -24.71
N GLU D 3 -16.13 19.87 -25.50
CA GLU D 3 -15.01 19.99 -26.42
C GLU D 3 -13.69 20.44 -25.76
N ILE D 4 -12.68 19.56 -25.75
CA ILE D 4 -11.47 19.78 -24.95
C ILE D 4 -10.17 19.88 -25.77
N LYS D 5 -9.33 20.85 -25.42
CA LYS D 5 -8.10 21.13 -26.16
C LYS D 5 -6.85 20.78 -25.40
N LEU D 6 -6.98 20.68 -24.07
CA LEU D 6 -5.82 20.48 -23.21
C LEU D 6 -6.20 19.79 -21.90
N ILE D 7 -5.55 18.67 -21.60
CA ILE D 7 -5.73 18.01 -20.32
C ILE D 7 -4.59 18.36 -19.37
N LEU D 8 -4.93 18.92 -18.22
CA LEU D 8 -3.94 19.24 -17.20
C LEU D 8 -4.18 18.34 -15.99
N THR D 9 -3.15 18.10 -15.20
CA THR D 9 -3.29 17.21 -14.06
C THR D 9 -2.34 17.56 -12.93
N ASP D 10 -2.88 17.51 -11.71
CA ASP D 10 -2.10 17.57 -10.49
C ASP D 10 -1.37 16.23 -10.40
N ILE D 11 -0.38 16.13 -9.51
CA ILE D 11 0.29 14.85 -9.28
C ILE D 11 -0.17 14.13 -8.00
N ASP D 12 0.28 14.62 -6.84
CA ASP D 12 0.05 13.93 -5.57
C ASP D 12 -1.43 13.84 -5.25
N GLY D 13 -1.94 12.63 -5.06
CA GLY D 13 -3.36 12.51 -4.74
C GLY D 13 -4.17 12.32 -6.00
N VAL D 14 -3.51 12.41 -7.16
CA VAL D 14 -4.15 12.08 -8.42
C VAL D 14 -3.42 10.92 -9.07
N TRP D 15 -2.19 11.17 -9.50
CA TRP D 15 -1.31 10.13 -10.00
C TRP D 15 -0.82 9.24 -8.86
N THR D 16 -0.94 9.72 -7.63
CA THR D 16 -0.65 8.91 -6.44
C THR D 16 -1.82 8.96 -5.45
N ASP D 17 -1.74 8.15 -4.39
CA ASP D 17 -2.74 8.24 -3.31
C ASP D 17 -2.33 9.28 -2.27
N GLY D 18 -1.39 10.15 -2.64
CA GLY D 18 -0.94 11.20 -1.74
C GLY D 18 0.27 10.75 -0.94
N GLY D 19 0.71 9.52 -1.21
CA GLY D 19 1.83 8.95 -0.49
C GLY D 19 3.14 9.63 -0.78
N MET D 20 3.86 10.01 0.27
CA MET D 20 5.23 10.50 0.16
C MET D 20 6.11 9.67 1.09
N PHE D 21 7.02 8.89 0.49
CA PHE D 21 7.92 8.04 1.26
C PHE D 21 9.20 8.80 1.55
N TYR D 22 9.60 8.84 2.82
CA TYR D 22 10.89 9.39 3.19
C TYR D 22 11.77 8.28 3.74
N ASP D 23 13.06 8.32 3.43
CA ASP D 23 13.99 7.41 4.10
C ASP D 23 14.81 8.17 5.14
N GLN D 24 15.89 7.56 5.63
CA GLN D 24 16.66 8.19 6.69
C GLN D 24 17.72 9.16 6.14
N THR D 25 17.90 9.16 4.82
CA THR D 25 19.03 9.87 4.20
C THR D 25 18.64 11.07 3.35
N GLY D 26 17.39 11.49 3.43
CA GLY D 26 16.92 12.63 2.66
C GLY D 26 16.43 12.27 1.27
N ASN D 27 16.28 10.99 0.99
CA ASN D 27 15.73 10.57 -0.29
C ASN D 27 14.19 10.57 -0.19
N GLU D 28 13.51 10.49 -1.32
CA GLU D 28 12.06 10.54 -1.33
C GLU D 28 11.51 9.71 -2.49
N TRP D 29 10.34 9.10 -2.28
CA TRP D 29 9.68 8.28 -3.27
C TRP D 29 8.26 8.74 -3.53
N LYS D 30 7.78 8.42 -4.73
CA LYS D 30 6.35 8.43 -5.01
C LYS D 30 6.03 7.10 -5.69
N LYS D 31 4.82 6.60 -5.45
CA LYS D 31 4.32 5.43 -6.14
C LYS D 31 3.35 5.83 -7.26
N PHE D 32 3.75 5.61 -8.50
CA PHE D 32 2.84 5.88 -9.60
C PHE D 32 2.14 4.59 -9.97
N ASN D 33 1.19 4.69 -10.89
CA ASN D 33 0.48 3.53 -11.42
C ASN D 33 0.59 3.50 -12.94
N THR D 34 1.07 2.38 -13.46
CA THR D 34 1.25 2.25 -14.90
C THR D 34 -0.07 2.46 -15.64
N SER D 35 -1.17 2.20 -14.96
CA SER D 35 -2.48 2.37 -15.57
C SER D 35 -2.64 3.78 -16.12
N ASP D 36 -2.13 4.77 -15.39
CA ASP D 36 -2.28 6.17 -15.76
C ASP D 36 -1.57 6.58 -17.06
N SER D 37 -0.57 5.82 -17.47
CA SER D 37 0.07 6.07 -18.75
C SER D 37 -0.93 5.87 -19.90
N ALA D 38 -1.94 5.03 -19.67
CA ALA D 38 -2.97 4.86 -20.68
C ALA D 38 -3.74 6.16 -20.86
N GLY D 39 -3.73 6.98 -19.82
CA GLY D 39 -4.30 8.31 -19.90
C GLY D 39 -3.58 9.13 -20.95
N ILE D 40 -2.25 9.13 -20.90
CA ILE D 40 -1.44 9.84 -21.88
C ILE D 40 -1.66 9.25 -23.27
N PHE D 41 -1.76 7.92 -23.31
CA PHE D 41 -1.92 7.24 -24.57
C PHE D 41 -3.18 7.68 -25.31
N TRP D 42 -4.31 7.78 -24.60
CA TRP D 42 -5.58 8.11 -25.24
C TRP D 42 -5.59 9.56 -25.64
N ALA D 43 -5.07 10.42 -24.77
CA ALA D 43 -4.93 11.84 -25.04
C ALA D 43 -4.19 12.09 -26.35
N HIS D 44 -2.97 11.57 -26.43
CA HIS D 44 -2.18 11.67 -27.66
C HIS D 44 -2.90 11.04 -28.84
N ASN D 45 -3.58 9.92 -28.61
CA ASN D 45 -4.33 9.26 -29.67
C ASN D 45 -5.37 10.18 -30.30
N LYS D 46 -5.99 11.01 -29.47
CA LYS D 46 -7.01 11.95 -29.95
C LYS D 46 -6.42 13.32 -30.29
N GLY D 47 -5.09 13.40 -30.32
CA GLY D 47 -4.41 14.65 -30.60
C GLY D 47 -4.49 15.70 -29.51
N ILE D 48 -4.74 15.28 -28.27
CA ILE D 48 -4.83 16.22 -27.16
C ILE D 48 -3.55 16.19 -26.32
N PRO D 49 -2.95 17.37 -26.08
CA PRO D 49 -1.73 17.41 -25.28
C PRO D 49 -2.07 17.32 -23.78
N VAL D 50 -1.10 16.85 -22.99
CA VAL D 50 -1.27 16.76 -21.55
C VAL D 50 -0.21 17.55 -20.80
N GLY D 51 -0.64 18.31 -19.80
CA GLY D 51 0.30 19.03 -18.94
C GLY D 51 0.17 18.69 -17.46
N ILE D 52 1.29 18.69 -16.77
CA ILE D 52 1.33 18.43 -15.34
C ILE D 52 1.60 19.73 -14.61
N LEU D 53 0.72 20.08 -13.66
CA LEU D 53 1.00 21.16 -12.73
C LEU D 53 1.12 20.60 -11.31
N THR D 54 2.29 20.75 -10.71
CA THR D 54 2.47 20.31 -9.32
C THR D 54 3.08 21.45 -8.50
N GLY D 55 2.68 21.53 -7.22
CA GLY D 55 3.23 22.51 -6.30
C GLY D 55 4.51 22.03 -5.64
N GLU D 56 4.77 20.73 -5.72
CA GLU D 56 6.05 20.16 -5.30
C GLU D 56 7.06 20.36 -6.42
N LYS D 57 8.30 19.98 -6.16
CA LYS D 57 9.35 19.98 -7.19
C LYS D 57 10.38 18.89 -6.89
N THR D 58 10.38 17.85 -7.73
CA THR D 58 11.21 16.69 -7.48
C THR D 58 11.73 16.10 -8.78
N GLU D 59 12.83 15.39 -8.66
CA GLU D 59 13.39 14.61 -9.76
C GLU D 59 12.43 13.46 -10.09
N ILE D 60 11.74 12.97 -9.06
CA ILE D 60 10.77 11.90 -9.19
C ILE D 60 9.78 12.20 -10.29
N VAL D 61 9.13 13.36 -10.19
CA VAL D 61 8.13 13.77 -11.17
C VAL D 61 8.73 14.06 -12.55
N ARG D 62 9.90 14.69 -12.57
CA ARG D 62 10.54 15.02 -13.85
C ARG D 62 10.78 13.75 -14.64
N ARG D 63 11.30 12.73 -13.97
CA ARG D 63 11.57 11.45 -14.61
C ARG D 63 10.30 10.70 -15.02
N ARG D 64 9.23 10.82 -14.23
CA ARG D 64 7.99 10.16 -14.62
C ARG D 64 7.40 10.87 -15.84
N ALA D 65 7.39 12.19 -15.82
CA ALA D 65 6.82 12.97 -16.93
C ALA D 65 7.57 12.65 -18.22
N GLU D 66 8.90 12.64 -18.14
CA GLU D 66 9.74 12.31 -19.28
C GLU D 66 9.40 10.92 -19.82
N LYS D 67 9.43 9.91 -18.95
CA LYS D 67 9.08 8.54 -19.33
C LYS D 67 7.70 8.44 -20.01
N LEU D 68 6.74 9.24 -19.54
CA LEU D 68 5.40 9.20 -20.12
C LEU D 68 5.23 10.16 -21.32
N LYS D 69 6.26 10.93 -21.63
CA LYS D 69 6.25 11.85 -22.75
C LYS D 69 5.12 12.87 -22.60
N VAL D 70 4.95 13.34 -21.38
CA VAL D 70 4.01 14.42 -21.09
C VAL D 70 4.44 15.67 -21.86
N ASP D 71 3.49 16.37 -22.48
CA ASP D 71 3.79 17.55 -23.27
C ASP D 71 4.25 18.76 -22.45
N TYR D 72 3.65 18.96 -21.27
CA TYR D 72 4.03 20.11 -20.44
C TYR D 72 4.27 19.72 -18.99
N LEU D 73 5.29 20.31 -18.38
CA LEU D 73 5.60 20.06 -16.99
C LEU D 73 5.91 21.36 -16.28
N PHE D 74 5.16 21.62 -15.22
CA PHE D 74 5.40 22.79 -14.38
C PHE D 74 5.44 22.37 -12.92
N GLN D 75 6.61 22.49 -12.30
CA GLN D 75 6.78 22.13 -10.90
C GLN D 75 6.96 23.39 -10.05
N GLY D 76 6.95 23.22 -8.74
CA GLY D 76 7.04 24.33 -7.80
C GLY D 76 6.04 25.44 -8.09
N VAL D 77 4.90 25.06 -8.66
CA VAL D 77 3.89 26.04 -9.06
C VAL D 77 3.19 26.58 -7.81
N VAL D 78 3.13 27.90 -7.69
CA VAL D 78 2.51 28.53 -6.52
C VAL D 78 1.05 28.84 -6.80
N ASP D 79 0.76 29.18 -8.05
CA ASP D 79 -0.57 29.59 -8.43
C ASP D 79 -0.98 28.80 -9.67
N LYS D 80 -1.73 27.72 -9.49
CA LYS D 80 -2.07 26.85 -10.61
C LYS D 80 -3.01 27.49 -11.62
N LEU D 81 -3.88 28.38 -11.16
CA LEU D 81 -4.74 29.09 -12.09
C LEU D 81 -3.89 29.91 -13.05
N SER D 82 -2.92 30.64 -12.51
CA SER D 82 -2.02 31.46 -13.31
C SER D 82 -1.27 30.61 -14.32
N ALA D 83 -0.72 29.50 -13.84
CA ALA D 83 0.04 28.60 -14.69
C ALA D 83 -0.80 28.11 -15.85
N ALA D 84 -2.05 27.75 -15.57
CA ALA D 84 -2.93 27.25 -16.62
C ALA D 84 -3.30 28.35 -17.63
N GLU D 85 -3.56 29.56 -17.16
CA GLU D 85 -3.96 30.66 -18.05
C GLU D 85 -2.84 31.00 -19.01
N GLU D 86 -1.63 31.06 -18.46
CA GLU D 86 -0.41 31.22 -19.22
C GLU D 86 -0.42 30.25 -20.40
N LEU D 87 -0.61 28.98 -20.08
CA LEU D 87 -0.62 27.92 -21.07
C LEU D 87 -1.78 28.07 -22.06
N CYS D 88 -2.94 28.50 -21.57
CA CYS D 88 -4.09 28.74 -22.43
C CYS D 88 -3.89 29.92 -23.38
N ASN D 89 -3.27 30.99 -22.86
CA ASN D 89 -2.92 32.15 -23.65
C ASN D 89 -1.90 31.73 -24.71
N GLU D 90 -0.91 30.97 -24.30
CA GLU D 90 0.10 30.46 -25.23
C GLU D 90 -0.52 29.56 -26.31
N LEU D 91 -1.60 28.86 -25.98
CA LEU D 91 -2.22 27.96 -26.94
C LEU D 91 -3.35 28.64 -27.73
N GLY D 92 -3.77 29.81 -27.26
CA GLY D 92 -4.89 30.47 -27.88
C GLY D 92 -6.15 29.68 -27.61
N ILE D 93 -6.33 29.31 -26.35
CA ILE D 93 -7.55 28.65 -25.91
C ILE D 93 -8.08 29.22 -24.61
N ASN D 94 -9.33 28.93 -24.31
CA ASN D 94 -9.92 29.36 -23.07
C ASN D 94 -9.88 28.21 -22.07
N LEU D 95 -9.94 28.55 -20.78
CA LEU D 95 -10.05 27.55 -19.73
C LEU D 95 -11.23 26.64 -20.03
N GLU D 96 -12.24 27.19 -20.73
CA GLU D 96 -13.41 26.41 -21.09
C GLU D 96 -13.06 25.16 -21.92
N GLN D 97 -11.92 25.20 -22.62
CA GLN D 97 -11.46 24.05 -23.39
C GLN D 97 -10.37 23.24 -22.65
N VAL D 98 -10.24 23.46 -21.36
CA VAL D 98 -9.31 22.67 -20.55
C VAL D 98 -10.05 21.71 -19.62
N ALA D 99 -9.57 20.46 -19.59
CA ALA D 99 -10.02 19.51 -18.60
C ALA D 99 -8.91 19.35 -17.55
N TYR D 100 -9.22 19.66 -16.30
CA TYR D 100 -8.23 19.59 -15.27
C TYR D 100 -8.67 18.72 -14.10
N ILE D 101 -7.76 17.90 -13.61
CA ILE D 101 -8.02 17.10 -12.42
C ILE D 101 -7.03 17.40 -11.30
N GLY D 102 -7.55 17.74 -10.13
CA GLY D 102 -6.73 18.07 -8.97
C GLY D 102 -7.42 17.50 -7.75
N ASP D 103 -6.82 17.59 -6.57
CA ASP D 103 -7.39 16.91 -5.41
C ASP D 103 -7.40 17.72 -4.11
N ASP D 104 -6.85 18.91 -4.12
CA ASP D 104 -6.74 19.65 -2.86
C ASP D 104 -6.90 21.16 -3.00
N LEU D 105 -6.73 21.86 -1.89
CA LEU D 105 -6.95 23.31 -1.81
C LEU D 105 -6.33 24.08 -2.96
N ASN D 106 -5.04 23.87 -3.18
CA ASN D 106 -4.34 24.67 -4.16
C ASN D 106 -4.76 24.37 -5.61
N ASP D 107 -5.73 23.46 -5.79
CA ASP D 107 -6.30 23.16 -7.11
C ASP D 107 -7.66 23.81 -7.30
N ALA D 108 -8.26 24.25 -6.20
CA ALA D 108 -9.65 24.69 -6.20
C ALA D 108 -9.93 25.80 -7.20
N LYS D 109 -9.13 26.86 -7.12
CA LYS D 109 -9.29 28.02 -7.98
C LYS D 109 -9.34 27.59 -9.43
N LEU D 110 -8.38 26.74 -9.82
CA LEU D 110 -8.30 26.28 -11.20
C LEU D 110 -9.48 25.37 -11.54
N LEU D 111 -9.84 24.49 -10.60
CA LEU D 111 -10.96 23.57 -10.82
C LEU D 111 -12.25 24.32 -11.14
N LYS D 112 -12.49 25.44 -10.47
CA LYS D 112 -13.71 26.21 -10.66
C LYS D 112 -13.74 27.02 -11.96
N ARG D 113 -12.69 26.96 -12.76
CA ARG D 113 -12.59 27.80 -13.95
C ARG D 113 -12.48 27.03 -15.26
N VAL D 114 -12.13 25.75 -15.19
CA VAL D 114 -11.96 24.95 -16.41
C VAL D 114 -13.29 24.39 -16.92
N GLY D 115 -13.26 23.91 -18.16
CA GLY D 115 -14.45 23.41 -18.81
C GLY D 115 -14.92 22.08 -18.29
N ILE D 116 -13.97 21.21 -17.96
CA ILE D 116 -14.32 19.99 -17.25
C ILE D 116 -13.37 19.84 -16.06
N ALA D 117 -13.93 19.73 -14.87
CA ALA D 117 -13.09 19.56 -13.70
C ALA D 117 -13.28 18.16 -13.15
N GLY D 118 -12.16 17.48 -12.92
CA GLY D 118 -12.18 16.17 -12.30
C GLY D 118 -11.53 16.17 -10.92
N VAL D 119 -12.14 15.45 -9.98
CA VAL D 119 -11.58 15.29 -8.64
C VAL D 119 -11.75 13.85 -8.22
N PRO D 120 -10.66 13.19 -7.80
CA PRO D 120 -10.67 11.78 -7.37
C PRO D 120 -11.64 11.52 -6.23
N ALA D 121 -12.12 10.29 -6.13
CA ALA D 121 -13.01 9.92 -5.03
C ALA D 121 -12.35 10.12 -3.65
N SER D 122 -11.03 10.07 -3.61
CA SER D 122 -10.29 10.20 -2.33
C SER D 122 -10.20 11.62 -1.79
N ALA D 123 -10.56 12.62 -2.58
CA ALA D 123 -10.30 14.00 -2.21
C ALA D 123 -11.22 14.48 -1.10
N PRO D 124 -10.80 15.51 -0.36
CA PRO D 124 -11.70 16.03 0.66
C PRO D 124 -12.97 16.54 0.00
N PHE D 125 -14.06 16.40 0.73
CA PHE D 125 -15.39 16.67 0.19
C PHE D 125 -15.60 18.08 -0.41
N TYR D 126 -15.01 19.11 0.20
CA TYR D 126 -15.18 20.45 -0.34
C TYR D 126 -14.45 20.67 -1.65
N ILE D 127 -13.51 19.78 -1.98
CA ILE D 127 -12.83 19.79 -3.26
C ILE D 127 -13.59 18.91 -4.24
N ARG D 128 -13.98 17.73 -3.76
CA ARG D 128 -14.71 16.73 -4.54
C ARG D 128 -15.96 17.34 -5.17
N ARG D 129 -16.66 18.18 -4.42
CA ARG D 129 -17.92 18.71 -4.88
C ARG D 129 -17.72 19.68 -6.04
N LEU D 130 -16.47 20.04 -6.31
CA LEU D 130 -16.17 20.93 -7.43
C LEU D 130 -16.07 20.16 -8.74
N SER D 131 -16.00 18.84 -8.65
CA SER D 131 -15.86 18.03 -9.84
C SER D 131 -17.11 18.20 -10.70
N THR D 132 -16.94 18.28 -12.01
CA THR D 132 -18.11 18.43 -12.88
C THR D 132 -18.55 17.11 -13.51
N ILE D 133 -17.67 16.11 -13.44
CA ILE D 133 -18.01 14.74 -13.78
C ILE D 133 -17.72 13.83 -12.58
N PHE D 134 -18.34 12.66 -12.53
CA PHE D 134 -18.12 11.75 -11.42
C PHE D 134 -16.90 10.87 -11.69
N LEU D 135 -15.97 10.82 -10.74
CA LEU D 135 -14.86 9.88 -10.84
C LEU D 135 -14.96 8.85 -9.73
N GLU D 136 -15.02 7.57 -10.10
CA GLU D 136 -15.13 6.47 -9.14
C GLU D 136 -13.82 6.22 -8.38
N LYS D 137 -12.71 6.42 -9.08
CA LYS D 137 -11.41 5.98 -8.60
C LYS D 137 -10.70 6.96 -7.68
N ARG D 138 -9.88 6.42 -6.79
CA ARG D 138 -9.13 7.23 -5.83
C ARG D 138 -7.76 7.58 -6.38
N GLY D 139 -7.11 8.59 -5.83
CA GLY D 139 -5.76 8.90 -6.24
C GLY D 139 -4.87 7.67 -6.21
N GLY D 140 -4.10 7.48 -7.27
CA GLY D 140 -3.20 6.33 -7.34
C GLY D 140 -3.78 5.05 -7.93
N GLU D 141 -5.11 4.98 -8.07
CA GLU D 141 -5.75 3.78 -8.61
C GLU D 141 -6.01 3.86 -10.11
N GLY D 142 -5.43 4.84 -10.79
CA GLY D 142 -5.65 4.99 -12.23
C GLY D 142 -6.77 5.99 -12.50
N VAL D 143 -6.88 6.97 -11.62
CA VAL D 143 -7.99 7.91 -11.72
C VAL D 143 -7.67 8.95 -12.82
N PHE D 144 -6.39 9.14 -13.13
CA PHE D 144 -6.06 10.01 -14.26
C PHE D 144 -6.51 9.35 -15.56
N ARG D 145 -6.28 8.06 -15.67
CA ARG D 145 -6.80 7.31 -16.82
C ARG D 145 -8.33 7.35 -16.89
N GLU D 146 -8.99 7.20 -15.75
CA GLU D 146 -10.46 7.24 -15.71
C GLU D 146 -10.92 8.57 -16.31
N PHE D 147 -10.31 9.64 -15.82
CA PHE D 147 -10.62 11.00 -16.20
C PHE D 147 -10.46 11.21 -17.71
N VAL D 148 -9.28 10.88 -18.24
CA VAL D 148 -9.03 11.04 -19.67
C VAL D 148 -10.07 10.30 -20.49
N GLU D 149 -10.31 9.04 -20.12
CA GLU D 149 -11.24 8.19 -20.84
C GLU D 149 -12.66 8.78 -20.81
N LYS D 150 -13.06 9.31 -19.66
CA LYS D 150 -14.37 9.98 -19.61
C LYS D 150 -14.35 11.25 -20.46
N VAL D 151 -13.37 12.11 -20.23
CA VAL D 151 -13.32 13.42 -20.86
C VAL D 151 -13.33 13.28 -22.38
N LEU D 152 -12.59 12.31 -22.89
CA LEU D 152 -12.47 12.10 -24.33
C LEU D 152 -13.53 11.13 -24.88
N GLY D 153 -14.35 10.57 -23.99
CA GLY D 153 -15.43 9.68 -24.42
C GLY D 153 -14.93 8.40 -25.05
N ILE D 154 -13.84 7.86 -24.50
CA ILE D 154 -13.25 6.63 -25.00
C ILE D 154 -14.23 5.48 -24.75
N ASN D 155 -14.58 4.78 -25.82
CA ASN D 155 -15.56 3.70 -25.73
C ASN D 155 -14.95 2.44 -26.32
N LEU D 156 -15.74 1.37 -26.36
CA LEU D 156 -15.25 0.08 -26.83
C LEU D 156 -14.77 0.14 -28.28
N GLU D 157 -15.48 0.88 -29.13
CA GLU D 157 -15.11 1.03 -30.54
C GLU D 157 -13.70 1.60 -30.67
N ASP D 158 -13.39 2.60 -29.86
CA ASP D 158 -12.02 3.13 -29.74
C ASP D 158 -11.03 2.04 -29.36
N PHE D 159 -11.45 1.14 -28.49
CA PHE D 159 -10.56 0.09 -28.03
C PHE D 159 -10.35 -0.90 -29.17
N ILE D 160 -11.43 -1.26 -29.85
CA ILE D 160 -11.34 -2.21 -30.95
C ILE D 160 -10.40 -1.67 -32.03
N ALA D 161 -10.60 -0.41 -32.41
CA ALA D 161 -9.72 0.27 -33.37
C ALA D 161 -8.22 0.24 -33.02
N VAL D 162 -7.84 0.54 -31.78
CA VAL D 162 -6.43 0.59 -31.42
C VAL D 162 -5.79 -0.77 -31.24
N ILE D 163 -6.61 -1.82 -31.33
CA ILE D 163 -6.12 -3.17 -31.20
C ILE D 163 -6.23 -3.94 -32.52
#